data_4PLE
#
_entry.id   4PLE
#
_cell.length_a   65.947
_cell.length_b   76.885
_cell.length_c   108.482
_cell.angle_alpha   90.000
_cell.angle_beta   95.460
_cell.angle_gamma   90.000
#
_symmetry.space_group_name_H-M   'P 1 21 1'
#
loop_
_entity.id
_entity.type
_entity.pdbx_description
1 polymer 'Nuclear receptor subfamily 5 group A member 2'
2 polymer 'Nuclear receptor coactivator 2'
3 non-polymer L-ALPHA-PHOSPHATIDYL-BETA-OLEOYL-GAMMA-PALMITOYL-PHOSPHATIDYLETHANOLAMINE
4 non-polymer 3-[(3-CHOLAMIDOPROPYL)DIMETHYLAMMONIO]-1-PROPANESULFONATE
5 water water
#
loop_
_entity_poly.entity_id
_entity_poly.type
_entity_poly.pdbx_seq_one_letter_code
_entity_poly.pdbx_strand_id
1 'polypeptide(L)'
;AAASIPHLILELLKCEPDEPQVQAKIMAYLQQEQANRSKHEKLSTFGLMCKMADQTLFSIVEWARSSIFFRELKVDDQMK
LLQNCWSELLILDHIYRQVVHGKEGSIFLVTGQQVDYSIIASQAGATLNNLMSHAQELVAKLRSLQFDQREFVCLKFLVL
FSLDVKNLENFQLVEGVQEQVNAALLDYTMCNYPQQTEKFGQLLLRLPEIRAISMQAEEYLYYKHLNGDVPYNNLLIEML
HAKRA
;
A,C,E,G
2 'polypeptide(L)' KENALLRYLLDKDD B,D,F,H
#
# COMPACT_ATOMS: atom_id res chain seq x y z
N ALA A 2 40.97 -17.91 2.42
CA ALA A 2 41.18 -16.82 3.36
C ALA A 2 40.22 -15.68 3.08
N ALA A 3 39.64 -15.14 4.14
CA ALA A 3 38.73 -14.01 4.02
C ALA A 3 39.49 -12.72 3.76
N SER A 4 38.88 -11.82 3.00
CA SER A 4 39.46 -10.51 2.77
C SER A 4 38.48 -9.42 3.19
N ILE A 5 38.94 -8.53 4.07
CA ILE A 5 38.09 -7.45 4.56
C ILE A 5 38.65 -6.09 4.14
N PRO A 6 37.92 -5.36 3.29
CA PRO A 6 38.34 -4.03 2.83
C PRO A 6 38.69 -3.12 4.00
N HIS A 7 39.71 -2.28 3.82
CA HIS A 7 40.20 -1.41 4.87
C HIS A 7 39.12 -0.51 5.45
N LEU A 8 38.25 0.00 4.57
CA LEU A 8 37.17 0.86 5.00
C LEU A 8 36.28 0.17 6.03
N ILE A 9 35.92 -1.08 5.77
CA ILE A 9 35.05 -1.83 6.67
C ILE A 9 35.72 -2.04 8.02
N LEU A 10 37.05 -2.18 8.01
CA LEU A 10 37.82 -2.23 9.25
C LEU A 10 37.60 -0.95 10.06
N GLU A 11 37.66 0.19 9.38
CA GLU A 11 37.43 1.47 10.03
C GLU A 11 36.01 1.58 10.57
N LEU A 12 35.04 1.07 9.82
CA LEU A 12 33.64 1.09 10.25
C LEU A 12 33.47 0.24 11.51
N LEU A 13 34.11 -0.93 11.53
CA LEU A 13 34.03 -1.83 12.68
C LEU A 13 34.64 -1.21 13.94
N LYS A 14 35.67 -0.39 13.75
CA LYS A 14 36.36 0.25 14.86
C LYS A 14 35.46 1.26 15.58
N CYS A 15 34.42 1.72 14.89
CA CYS A 15 33.50 2.71 15.47
C CYS A 15 32.31 2.04 16.15
N GLU A 16 32.23 0.72 16.10
CA GLU A 16 31.09 0.00 16.67
C GLU A 16 31.04 0.17 18.18
N PRO A 17 29.83 0.26 18.74
CA PRO A 17 29.69 0.36 20.18
C PRO A 17 30.16 -0.91 20.89
N ASP A 18 30.50 -0.78 22.16
CA ASP A 18 30.85 -1.91 23.00
C ASP A 18 29.56 -2.58 23.46
N GLU A 19 29.22 -3.70 22.86
CA GLU A 19 27.94 -4.35 23.14
C GLU A 19 27.77 -4.79 24.61
N PRO A 20 28.80 -5.41 25.22
CA PRO A 20 28.65 -5.73 26.65
C PRO A 20 28.41 -4.51 27.54
N GLN A 21 29.09 -3.40 27.26
CA GLN A 21 28.93 -2.19 28.06
C GLN A 21 27.53 -1.58 27.89
N VAL A 22 27.05 -1.54 26.65
CA VAL A 22 25.72 -0.99 26.38
C VAL A 22 24.66 -1.83 27.07
N GLN A 23 24.78 -3.14 26.94
CA GLN A 23 23.85 -4.08 27.56
C GLN A 23 23.77 -3.87 29.06
N ALA A 24 24.92 -3.82 29.71
CA ALA A 24 25.00 -3.63 31.16
C ALA A 24 24.43 -2.27 31.58
N LYS A 25 24.70 -1.25 30.77
CA LYS A 25 24.25 0.11 31.07
C LYS A 25 22.73 0.25 31.03
N ILE A 26 22.11 -0.28 29.98
CA ILE A 26 20.66 -0.17 29.82
C ILE A 26 19.95 -1.06 30.83
N MET A 27 20.52 -2.24 31.07
CA MET A 27 20.01 -3.15 32.09
C MET A 27 19.97 -2.47 33.46
N ALA A 28 21.07 -1.81 33.80
CA ALA A 28 21.17 -1.13 35.09
C ALA A 28 20.22 0.05 35.17
N TYR A 29 20.08 0.76 34.06
CA TYR A 29 19.18 1.91 33.99
C TYR A 29 17.75 1.53 34.29
N LEU A 30 17.27 0.45 33.66
CA LEU A 30 15.88 0.02 33.84
C LEU A 30 15.64 -0.53 35.24
N GLN A 31 16.63 -1.24 35.78
CA GLN A 31 16.51 -1.79 37.12
C GLN A 31 16.44 -0.67 38.15
N GLN A 32 17.21 0.39 37.93
CA GLN A 32 17.19 1.54 38.84
C GLN A 32 15.88 2.30 38.71
N GLU A 33 15.37 2.38 37.49
CA GLU A 33 14.09 3.02 37.22
C GLU A 33 12.96 2.38 38.04
N GLN A 34 12.87 1.06 37.98
CA GLN A 34 11.86 0.33 38.72
C GLN A 34 12.09 0.43 40.23
N ALA A 35 13.37 0.45 40.63
CA ALA A 35 13.73 0.55 42.05
C ALA A 35 13.26 1.87 42.65
N ASN A 36 13.27 2.92 41.83
CA ASN A 36 12.85 4.25 42.27
C ASN A 36 11.33 4.38 42.37
N ARG A 37 10.61 3.39 41.87
CA ARG A 37 9.16 3.42 41.87
C ARG A 37 8.57 2.53 42.94
N SER A 38 7.53 3.01 43.61
CA SER A 38 6.81 2.18 44.58
C SER A 38 5.95 1.16 43.84
N LYS A 39 5.34 0.27 44.60
CA LYS A 39 4.62 -0.88 44.03
C LYS A 39 3.59 -0.49 42.96
N HIS A 40 2.79 0.52 43.25
CA HIS A 40 1.73 0.93 42.32
C HIS A 40 2.29 1.80 41.19
N GLU A 41 3.56 2.17 41.29
CA GLU A 41 4.18 3.02 40.28
C GLU A 41 5.02 2.24 39.28
N LYS A 42 5.25 0.96 39.56
CA LYS A 42 6.10 0.12 38.71
C LYS A 42 5.63 0.15 37.28
N LEU A 43 6.57 0.25 36.35
CA LEU A 43 6.25 0.31 34.93
C LEU A 43 5.72 -1.02 34.43
N SER A 44 4.79 -0.95 33.49
CA SER A 44 4.31 -2.14 32.79
C SER A 44 5.36 -2.63 31.81
N THR A 45 5.09 -3.78 31.19
CA THR A 45 5.98 -4.31 30.18
C THR A 45 6.19 -3.30 29.06
N PHE A 46 5.10 -2.69 28.61
CA PHE A 46 5.18 -1.70 27.54
C PHE A 46 6.00 -0.50 27.96
N GLY A 47 5.78 -0.02 29.19
CA GLY A 47 6.51 1.12 29.71
C GLY A 47 8.00 0.85 29.77
N LEU A 48 8.36 -0.35 30.23
CA LEU A 48 9.76 -0.75 30.31
C LEU A 48 10.40 -0.80 28.92
N MET A 49 9.68 -1.39 27.97
CA MET A 49 10.21 -1.54 26.61
C MET A 49 10.35 -0.18 25.93
N CYS A 50 9.48 0.76 26.28
CA CYS A 50 9.58 2.12 25.77
C CYS A 50 10.85 2.80 26.27
N LYS A 51 11.13 2.65 27.56
CA LYS A 51 12.33 3.23 28.13
C LYS A 51 13.57 2.51 27.60
N MET A 52 13.43 1.21 27.34
CA MET A 52 14.50 0.42 26.74
C MET A 52 14.84 0.93 25.35
N ALA A 53 13.82 1.13 24.52
CA ALA A 53 14.00 1.65 23.18
C ALA A 53 14.58 3.05 23.23
N ASP A 54 14.13 3.83 24.21
CA ASP A 54 14.66 5.17 24.44
C ASP A 54 16.17 5.16 24.67
N GLN A 55 16.60 4.30 25.60
CA GLN A 55 18.01 4.21 25.94
C GLN A 55 18.84 3.68 24.79
N THR A 56 18.26 2.78 23.99
CA THR A 56 18.93 2.28 22.81
C THR A 56 19.18 3.42 21.82
N LEU A 57 18.19 4.30 21.67
CA LEU A 57 18.33 5.43 20.77
C LEU A 57 19.40 6.41 21.26
N PHE A 58 19.44 6.63 22.57
CA PHE A 58 20.51 7.42 23.17
C PHE A 58 21.87 6.84 22.79
N SER A 59 21.98 5.52 22.86
CA SER A 59 23.22 4.83 22.53
C SER A 59 23.56 4.97 21.05
N ILE A 60 22.53 4.96 20.21
CA ILE A 60 22.72 5.08 18.77
C ILE A 60 23.21 6.49 18.40
N VAL A 61 22.68 7.51 19.08
CA VAL A 61 23.12 8.87 18.84
C VAL A 61 24.57 9.08 19.25
N GLU A 62 24.96 8.51 20.40
CA GLU A 62 26.35 8.53 20.85
C GLU A 62 27.28 7.80 19.88
N TRP A 63 26.82 6.67 19.35
CA TRP A 63 27.58 5.94 18.34
C TRP A 63 27.82 6.80 17.10
N ALA A 64 26.75 7.38 16.57
CA ALA A 64 26.85 8.19 15.36
C ALA A 64 27.78 9.38 15.57
N ARG A 65 27.62 10.05 16.71
CA ARG A 65 28.37 11.26 17.02
C ARG A 65 29.89 11.05 16.98
N SER A 66 30.34 9.88 17.40
CA SER A 66 31.77 9.60 17.49
C SER A 66 32.29 8.83 16.28
N SER A 67 31.38 8.51 15.35
CA SER A 67 31.71 7.66 14.22
C SER A 67 32.44 8.39 13.09
N ILE A 68 33.22 7.64 12.32
CA ILE A 68 33.92 8.15 11.15
C ILE A 68 32.92 8.76 10.16
N PHE A 69 33.36 9.80 9.45
CA PHE A 69 32.55 10.51 8.45
C PHE A 69 31.41 11.35 9.07
N PHE A 70 30.65 10.77 9.99
CA PHE A 70 29.52 11.48 10.59
C PHE A 70 30.00 12.64 11.46
N ARG A 71 31.09 12.42 12.20
CA ARG A 71 31.64 13.46 13.05
C ARG A 71 32.22 14.62 12.24
N GLU A 72 32.31 14.43 10.92
CA GLU A 72 32.82 15.46 10.03
C GLU A 72 31.76 16.50 9.68
N LEU A 73 30.49 16.10 9.81
CA LEU A 73 29.37 16.98 9.46
C LEU A 73 29.08 17.98 10.57
N LYS A 74 28.51 19.12 10.19
CA LYS A 74 28.01 20.07 11.18
C LYS A 74 26.74 19.52 11.79
N VAL A 75 26.43 19.94 13.02
CA VAL A 75 25.31 19.39 13.78
C VAL A 75 23.98 19.44 13.03
N ASP A 76 23.79 20.48 12.23
CA ASP A 76 22.53 20.65 11.50
C ASP A 76 22.33 19.53 10.46
N ASP A 77 23.42 19.10 9.83
CA ASP A 77 23.35 17.98 8.91
C ASP A 77 23.18 16.67 9.67
N GLN A 78 23.85 16.58 10.83
CA GLN A 78 23.74 15.41 11.69
C GLN A 78 22.31 15.17 12.14
N MET A 79 21.64 16.25 12.53
CA MET A 79 20.25 16.19 12.97
C MET A 79 19.36 15.69 11.84
N LYS A 80 19.55 16.27 10.64
CA LYS A 80 18.73 15.91 9.50
C LYS A 80 18.90 14.45 9.10
N LEU A 81 20.14 13.95 9.14
CA LEU A 81 20.38 12.53 8.87
C LEU A 81 19.73 11.65 9.93
N LEU A 82 19.88 12.02 11.20
CA LEU A 82 19.33 11.22 12.28
C LEU A 82 17.81 11.31 12.31
N GLN A 83 17.27 12.47 11.94
CA GLN A 83 15.82 12.65 11.91
C GLN A 83 15.21 11.76 10.84
N ASN A 84 15.98 11.49 9.79
CA ASN A 84 15.52 10.64 8.70
C ASN A 84 15.53 9.15 9.03
N CYS A 85 16.56 8.70 9.75
CA CYS A 85 16.82 7.28 9.86
C CYS A 85 16.76 6.69 11.27
N TRP A 86 16.35 7.48 12.26
CA TRP A 86 16.42 7.04 13.66
C TRP A 86 15.68 5.72 13.91
N SER A 87 14.49 5.58 13.32
CA SER A 87 13.70 4.37 13.52
C SER A 87 14.24 3.20 12.70
N GLU A 88 14.88 3.52 11.57
CA GLU A 88 15.49 2.50 10.73
C GLU A 88 16.70 1.88 11.44
N LEU A 89 17.47 2.73 12.11
CA LEU A 89 18.63 2.26 12.86
C LEU A 89 18.21 1.40 14.06
N LEU A 90 17.12 1.78 14.72
CA LEU A 90 16.60 1.00 15.84
C LEU A 90 16.13 -0.37 15.37
N ILE A 91 15.42 -0.40 14.24
CA ILE A 91 14.94 -1.65 13.66
C ILE A 91 16.11 -2.51 13.17
N LEU A 92 17.05 -1.89 12.46
CA LEU A 92 18.22 -2.62 11.97
C LEU A 92 19.01 -3.23 13.13
N ASP A 93 19.18 -2.43 14.19
CA ASP A 93 19.86 -2.88 15.40
C ASP A 93 19.14 -4.07 16.03
N HIS A 94 17.82 -3.99 16.11
CA HIS A 94 17.01 -5.07 16.66
C HIS A 94 17.08 -6.33 15.81
N ILE A 95 16.93 -6.16 14.50
CA ILE A 95 16.91 -7.27 13.57
C ILE A 95 18.23 -8.04 13.58
N TYR A 96 19.34 -7.31 13.53
CA TYR A 96 20.65 -7.96 13.54
C TYR A 96 20.91 -8.65 14.87
N ARG A 97 20.40 -8.07 15.95
CA ARG A 97 20.51 -8.69 17.25
C ARG A 97 19.81 -10.06 17.26
N GLN A 98 18.72 -10.16 16.52
CA GLN A 98 17.98 -11.43 16.42
C GLN A 98 18.72 -12.43 15.53
N VAL A 99 19.36 -11.92 14.48
CA VAL A 99 20.11 -12.77 13.56
C VAL A 99 21.26 -13.48 14.29
N VAL A 100 21.97 -12.73 15.14
CA VAL A 100 23.13 -13.27 15.83
C VAL A 100 22.81 -13.89 17.19
N HIS A 101 22.10 -13.14 18.03
CA HIS A 101 21.90 -13.54 19.42
C HIS A 101 20.53 -14.16 19.68
N GLY A 102 19.69 -14.19 18.67
CA GLY A 102 18.33 -14.68 18.84
C GLY A 102 18.15 -16.16 18.60
N LYS A 103 17.39 -16.80 19.48
CA LYS A 103 16.93 -18.16 19.25
C LYS A 103 15.54 -18.08 18.63
N GLU A 104 15.34 -18.81 17.53
CA GLU A 104 14.18 -18.63 16.66
C GLU A 104 12.80 -18.69 17.34
N GLY A 105 12.76 -19.13 18.58
CA GLY A 105 11.51 -19.18 19.31
C GLY A 105 11.30 -17.99 20.23
N SER A 106 12.28 -17.11 20.30
CA SER A 106 12.22 -15.98 21.23
C SER A 106 12.91 -14.72 20.72
N ILE A 107 12.71 -13.63 21.45
CA ILE A 107 13.32 -12.35 21.15
C ILE A 107 14.47 -12.03 22.10
N PHE A 108 15.63 -11.71 21.55
CA PHE A 108 16.75 -11.29 22.41
C PHE A 108 16.76 -9.76 22.52
N LEU A 109 16.63 -9.27 23.75
CA LEU A 109 16.60 -7.83 23.99
C LEU A 109 18.01 -7.26 24.18
N VAL A 110 18.14 -5.95 23.99
CA VAL A 110 19.43 -5.30 24.18
C VAL A 110 19.92 -5.45 25.63
N THR A 111 18.99 -5.61 26.56
CA THR A 111 19.34 -5.81 27.98
C THR A 111 19.79 -7.24 28.28
N GLY A 112 19.60 -8.15 27.33
CA GLY A 112 20.15 -9.49 27.45
C GLY A 112 19.17 -10.62 27.68
N GLN A 113 17.89 -10.30 27.84
CA GLN A 113 16.90 -11.33 28.12
C GLN A 113 16.27 -11.89 26.86
N GLN A 114 15.83 -13.15 26.94
CA GLN A 114 15.08 -13.78 25.86
C GLN A 114 13.60 -13.76 26.18
N VAL A 115 12.82 -13.06 25.36
CA VAL A 115 11.37 -13.02 25.51
C VAL A 115 10.72 -13.91 24.47
N ASP A 116 9.98 -14.92 24.95
CA ASP A 116 9.33 -15.87 24.05
C ASP A 116 8.31 -15.17 23.16
N TYR A 117 8.34 -15.51 21.87
CA TYR A 117 7.36 -14.99 20.92
C TYR A 117 5.95 -15.38 21.35
N SER A 118 5.83 -16.49 22.06
CA SER A 118 4.55 -16.96 22.59
C SER A 118 3.90 -15.92 23.49
N ILE A 119 4.72 -15.31 24.34
CA ILE A 119 4.24 -14.30 25.28
C ILE A 119 3.67 -13.11 24.52
N ILE A 120 4.36 -12.72 23.45
CA ILE A 120 3.91 -11.65 22.60
C ILE A 120 2.57 -12.00 21.94
N ALA A 121 2.48 -13.21 21.42
CA ALA A 121 1.27 -13.66 20.76
C ALA A 121 0.07 -13.69 21.70
N SER A 122 0.35 -13.91 22.99
CA SER A 122 -0.70 -14.04 23.99
C SER A 122 -1.12 -12.69 24.59
N GLN A 123 -0.18 -11.75 24.67
CA GLN A 123 -0.42 -10.50 25.40
C GLN A 123 -0.53 -9.27 24.50
N ALA A 124 -0.09 -9.37 23.26
CA ALA A 124 -0.10 -8.22 22.37
C ALA A 124 -1.28 -8.22 21.42
N GLY A 125 -1.59 -7.04 20.88
CA GLY A 125 -2.68 -6.89 19.94
C GLY A 125 -2.26 -7.30 18.53
N ALA A 126 -3.15 -7.09 17.56
CA ALA A 126 -2.91 -7.51 16.20
C ALA A 126 -1.79 -6.72 15.52
N THR A 127 -1.70 -5.42 15.83
CA THR A 127 -0.69 -4.57 15.21
C THR A 127 0.72 -5.00 15.58
N LEU A 128 0.95 -5.26 16.87
CA LEU A 128 2.27 -5.66 17.33
C LEU A 128 2.65 -7.05 16.83
N ASN A 129 1.68 -7.96 16.79
CA ASN A 129 1.94 -9.31 16.31
C ASN A 129 2.29 -9.33 14.82
N ASN A 130 1.56 -8.55 14.04
CA ASN A 130 1.86 -8.39 12.62
C ASN A 130 3.23 -7.76 12.42
N LEU A 131 3.55 -6.81 13.27
CA LEU A 131 4.85 -6.14 13.26
C LEU A 131 5.98 -7.14 13.55
N MET A 132 5.74 -8.00 14.54
CA MET A 132 6.72 -9.01 14.94
C MET A 132 6.83 -10.07 13.87
N SER A 133 5.69 -10.42 13.29
CA SER A 133 5.71 -11.37 12.19
C SER A 133 6.55 -10.89 11.04
N HIS A 134 6.55 -9.61 10.66
CA HIS A 134 7.40 -9.41 9.46
C HIS A 134 8.85 -9.27 9.92
N ALA A 135 9.07 -8.87 11.17
CA ALA A 135 10.44 -8.88 11.70
C ALA A 135 11.02 -10.29 11.66
N GLN A 136 10.20 -11.27 12.08
CA GLN A 136 10.61 -12.68 12.06
C GLN A 136 11.00 -13.13 10.66
N GLU A 137 10.21 -12.74 9.66
CA GLU A 137 10.46 -13.09 8.28
C GLU A 137 11.78 -12.48 7.79
N LEU A 138 12.01 -11.23 8.16
CA LEU A 138 13.24 -10.53 7.79
C LEU A 138 14.46 -11.19 8.44
N VAL A 139 14.33 -11.52 9.72
CA VAL A 139 15.40 -12.20 10.44
C VAL A 139 15.74 -13.55 9.78
N ALA A 140 14.69 -14.30 9.46
CA ALA A 140 14.85 -15.60 8.82
C ALA A 140 15.55 -15.47 7.47
N LYS A 141 15.15 -14.45 6.71
CA LYS A 141 15.74 -14.20 5.39
C LYS A 141 17.23 -13.86 5.51
N LEU A 142 17.56 -13.02 6.48
CA LEU A 142 18.94 -12.60 6.69
C LEU A 142 19.81 -13.77 7.14
N ARG A 143 19.24 -14.66 7.98
CA ARG A 143 19.96 -15.86 8.39
C ARG A 143 20.28 -16.75 7.19
N SER A 144 19.34 -16.87 6.27
CA SER A 144 19.52 -17.72 5.09
C SER A 144 20.56 -17.14 4.15
N LEU A 145 20.78 -15.83 4.24
CA LEU A 145 21.75 -15.15 3.40
C LEU A 145 23.14 -15.15 4.02
N GLN A 146 23.26 -15.68 5.22
CA GLN A 146 24.50 -15.65 6.00
C GLN A 146 24.95 -14.20 6.22
N PHE A 147 23.99 -13.36 6.58
CA PHE A 147 24.24 -11.97 6.95
C PHE A 147 25.23 -11.88 8.11
N ASP A 148 26.36 -11.23 7.91
CA ASP A 148 27.36 -11.15 8.99
C ASP A 148 27.64 -9.71 9.45
N GLN A 149 28.58 -9.58 10.39
CA GLN A 149 28.83 -8.29 11.04
C GLN A 149 29.41 -7.23 10.14
N ARG A 150 30.26 -7.63 9.20
CA ARG A 150 30.86 -6.68 8.27
C ARG A 150 29.79 -6.10 7.36
N GLU A 151 28.83 -6.93 6.96
CA GLU A 151 27.74 -6.48 6.10
C GLU A 151 26.77 -5.62 6.90
N PHE A 152 26.60 -5.96 8.17
CA PHE A 152 25.74 -5.20 9.07
C PHE A 152 26.25 -3.79 9.26
N VAL A 153 27.54 -3.64 9.54
CA VAL A 153 28.08 -2.30 9.80
C VAL A 153 28.02 -1.47 8.53
N CYS A 154 28.14 -2.12 7.37
CA CYS A 154 27.99 -1.43 6.09
C CYS A 154 26.57 -0.88 5.93
N LEU A 155 25.57 -1.74 6.14
CA LEU A 155 24.17 -1.33 5.98
C LEU A 155 23.80 -0.26 6.99
N LYS A 156 24.41 -0.32 8.17
CA LYS A 156 24.20 0.68 9.20
C LYS A 156 24.60 2.07 8.70
N PHE A 157 25.75 2.14 8.03
CA PHE A 157 26.23 3.41 7.50
C PHE A 157 25.45 3.85 6.27
N LEU A 158 24.94 2.87 5.51
CA LEU A 158 24.13 3.18 4.34
C LEU A 158 22.78 3.76 4.77
N VAL A 159 22.26 3.26 5.88
CA VAL A 159 21.01 3.78 6.44
C VAL A 159 21.21 5.20 6.95
N LEU A 160 22.31 5.41 7.68
CA LEU A 160 22.59 6.72 8.28
C LEU A 160 22.87 7.79 7.23
N PHE A 161 23.78 7.50 6.31
CA PHE A 161 24.17 8.46 5.29
C PHE A 161 23.27 8.37 4.08
N SER A 162 21.98 8.64 4.27
CA SER A 162 21.02 8.58 3.17
C SER A 162 21.09 9.84 2.32
N LEU A 163 20.88 9.68 1.02
CA LEU A 163 20.85 10.82 0.11
C LEU A 163 19.43 11.31 -0.14
N ASP A 164 18.46 10.71 0.54
CA ASP A 164 17.06 11.13 0.39
C ASP A 164 16.71 12.27 1.32
N VAL A 165 17.73 12.83 1.96
CA VAL A 165 17.50 13.85 2.97
C VAL A 165 17.50 15.24 2.37
N LYS A 166 16.42 15.97 2.55
CA LYS A 166 16.31 17.34 2.07
C LYS A 166 17.23 18.25 2.88
N ASN A 167 17.53 19.42 2.31
CA ASN A 167 18.12 20.51 3.07
C ASN A 167 19.50 20.19 3.63
N LEU A 168 20.13 19.17 3.04
CA LEU A 168 21.48 18.78 3.44
C LEU A 168 22.50 19.81 3.00
N GLU A 169 23.36 20.22 3.93
CA GLU A 169 24.43 21.18 3.63
C GLU A 169 25.52 20.53 2.78
N ASN A 170 26.11 19.47 3.32
CA ASN A 170 27.23 18.79 2.67
C ASN A 170 26.79 17.46 2.07
N PHE A 171 25.95 17.54 1.04
CA PHE A 171 25.32 16.34 0.48
C PHE A 171 26.28 15.47 -0.33
N GLN A 172 27.41 16.03 -0.75
CA GLN A 172 28.36 15.25 -1.54
C GLN A 172 29.32 14.46 -0.66
N LEU A 173 29.44 14.86 0.61
CA LEU A 173 30.16 14.03 1.59
C LEU A 173 29.33 12.79 1.86
N VAL A 174 28.04 13.00 2.11
CA VAL A 174 27.10 11.92 2.31
C VAL A 174 27.08 10.99 1.09
N GLU A 175 27.14 11.59 -0.10
CA GLU A 175 27.19 10.83 -1.34
C GLU A 175 28.51 10.06 -1.42
N GLY A 176 29.58 10.68 -0.93
CA GLY A 176 30.89 10.05 -0.93
C GLY A 176 30.93 8.84 -0.02
N VAL A 177 30.30 8.96 1.15
CA VAL A 177 30.22 7.84 2.08
C VAL A 177 29.36 6.73 1.48
N GLN A 178 28.24 7.13 0.88
CA GLN A 178 27.35 6.18 0.21
C GLN A 178 28.10 5.34 -0.83
N GLU A 179 28.87 6.00 -1.67
CA GLU A 179 29.60 5.30 -2.73
C GLU A 179 30.69 4.41 -2.16
N GLN A 180 31.45 4.93 -1.20
CA GLN A 180 32.55 4.17 -0.60
C GLN A 180 32.08 2.91 0.12
N VAL A 181 30.99 3.04 0.89
CA VAL A 181 30.49 1.91 1.67
C VAL A 181 29.84 0.87 0.76
N ASN A 182 29.06 1.34 -0.22
CA ASN A 182 28.49 0.43 -1.22
C ASN A 182 29.59 -0.34 -1.95
N ALA A 183 30.63 0.37 -2.36
CA ALA A 183 31.74 -0.25 -3.07
C ALA A 183 32.45 -1.30 -2.21
N ALA A 184 32.69 -0.95 -0.95
CA ALA A 184 33.34 -1.86 -0.02
C ALA A 184 32.48 -3.08 0.26
N LEU A 185 31.17 -2.85 0.40
CA LEU A 185 30.25 -3.94 0.67
C LEU A 185 30.20 -4.90 -0.51
N LEU A 186 30.18 -4.33 -1.72
CA LEU A 186 30.17 -5.12 -2.94
C LEU A 186 31.44 -5.96 -3.04
N ASP A 187 32.60 -5.34 -2.80
CA ASP A 187 33.88 -6.06 -2.84
C ASP A 187 33.92 -7.16 -1.79
N TYR A 188 33.38 -6.88 -0.60
CA TYR A 188 33.39 -7.85 0.49
C TYR A 188 32.53 -9.07 0.16
N THR A 189 31.32 -8.83 -0.36
CA THR A 189 30.42 -9.91 -0.70
C THR A 189 30.96 -10.76 -1.85
N MET A 190 31.58 -10.10 -2.83
CA MET A 190 32.12 -10.80 -3.99
C MET A 190 33.31 -11.67 -3.61
N CYS A 191 34.13 -11.18 -2.68
CA CYS A 191 35.32 -11.90 -2.26
C CYS A 191 35.00 -13.07 -1.33
N ASN A 192 34.09 -12.84 -0.38
CA ASN A 192 33.91 -13.77 0.72
C ASN A 192 32.69 -14.68 0.58
N TYR A 193 31.79 -14.31 -0.32
CA TYR A 193 30.63 -15.15 -0.60
C TYR A 193 30.44 -15.32 -2.10
N PRO A 194 31.43 -15.92 -2.79
CA PRO A 194 31.43 -15.95 -4.25
C PRO A 194 30.37 -16.88 -4.84
N GLN A 195 29.88 -17.84 -4.05
CA GLN A 195 28.86 -18.76 -4.55
C GLN A 195 27.47 -18.16 -4.40
N GLN A 196 27.38 -17.04 -3.68
CA GLN A 196 26.17 -16.24 -3.65
C GLN A 196 26.35 -15.06 -4.60
N THR A 197 26.15 -15.33 -5.89
CA THR A 197 26.50 -14.40 -6.96
C THR A 197 25.78 -13.05 -6.89
N GLU A 198 24.65 -13.00 -6.20
CA GLU A 198 23.90 -11.76 -6.10
C GLU A 198 23.66 -11.34 -4.66
N LYS A 199 24.58 -11.68 -3.77
CA LYS A 199 24.39 -11.38 -2.35
C LYS A 199 24.31 -9.87 -2.10
N PHE A 200 25.11 -9.10 -2.82
CA PHE A 200 25.08 -7.65 -2.70
C PHE A 200 23.69 -7.09 -2.98
N GLY A 201 23.12 -7.48 -4.12
CA GLY A 201 21.78 -7.06 -4.48
C GLY A 201 20.74 -7.57 -3.50
N GLN A 202 20.96 -8.78 -2.98
CA GLN A 202 20.02 -9.36 -2.04
C GLN A 202 20.02 -8.61 -0.71
N LEU A 203 21.20 -8.13 -0.30
CA LEU A 203 21.32 -7.33 0.91
C LEU A 203 20.65 -5.97 0.75
N LEU A 204 20.85 -5.33 -0.40
CA LEU A 204 20.23 -4.04 -0.67
C LEU A 204 18.71 -4.13 -0.61
N LEU A 205 18.17 -5.26 -1.07
CA LEU A 205 16.72 -5.45 -1.13
C LEU A 205 16.10 -5.60 0.25
N ARG A 206 16.92 -5.75 1.27
CA ARG A 206 16.43 -5.84 2.64
C ARG A 206 16.16 -4.45 3.21
N LEU A 207 16.81 -3.45 2.63
CA LEU A 207 16.66 -2.07 3.09
C LEU A 207 15.22 -1.53 2.99
N PRO A 208 14.52 -1.76 1.85
CA PRO A 208 13.12 -1.29 1.87
C PRO A 208 12.25 -2.05 2.86
N GLU A 209 12.62 -3.30 3.15
CA GLU A 209 11.89 -4.11 4.12
C GLU A 209 12.11 -3.57 5.53
N ILE A 210 13.33 -3.13 5.81
CA ILE A 210 13.65 -2.48 7.07
C ILE A 210 12.87 -1.18 7.22
N ARG A 211 12.81 -0.40 6.16
CA ARG A 211 12.16 0.90 6.20
C ARG A 211 10.65 0.78 6.37
N ALA A 212 10.06 -0.26 5.77
CA ALA A 212 8.63 -0.52 5.90
C ALA A 212 8.27 -0.89 7.33
N ILE A 213 9.08 -1.77 7.92
CA ILE A 213 8.90 -2.15 9.32
C ILE A 213 9.07 -0.92 10.21
N SER A 214 10.06 -0.11 9.90
CA SER A 214 10.36 1.09 10.68
C SER A 214 9.20 2.07 10.68
N MET A 215 8.55 2.25 9.53
CA MET A 215 7.41 3.16 9.43
C MET A 215 6.22 2.66 10.22
N GLN A 216 5.94 1.36 10.10
CA GLN A 216 4.84 0.75 10.83
C GLN A 216 5.09 0.81 12.33
N ALA A 217 6.36 0.65 12.72
CA ALA A 217 6.76 0.73 14.12
C ALA A 217 6.53 2.13 14.70
N GLU A 218 6.95 3.14 13.94
CA GLU A 218 6.69 4.54 14.28
C GLU A 218 5.19 4.79 14.47
N GLU A 219 4.40 4.26 13.56
CA GLU A 219 2.95 4.46 13.60
C GLU A 219 2.32 3.74 14.78
N TYR A 220 2.77 2.51 15.05
CA TYR A 220 2.31 1.76 16.21
C TYR A 220 2.60 2.53 17.50
N LEU A 221 3.83 3.01 17.63
CA LEU A 221 4.24 3.74 18.83
C LEU A 221 3.46 5.04 18.99
N TYR A 222 3.26 5.76 17.89
CA TYR A 222 2.58 7.04 17.93
C TYR A 222 1.17 6.88 18.49
N TYR A 223 0.46 5.85 18.03
CA TYR A 223 -0.91 5.64 18.46
C TYR A 223 -0.98 5.04 19.85
N LYS A 224 0.06 4.33 20.27
CA LYS A 224 0.14 3.90 21.66
C LYS A 224 0.25 5.11 22.56
N HIS A 225 1.03 6.10 22.11
CA HIS A 225 1.20 7.35 22.83
C HIS A 225 -0.10 8.12 22.97
N LEU A 226 -0.94 8.06 21.94
CA LEU A 226 -2.22 8.77 21.95
C LEU A 226 -3.16 8.21 23.00
N ASN A 227 -2.98 6.95 23.36
CA ASN A 227 -3.84 6.31 24.34
C ASN A 227 -3.30 6.50 25.76
N GLY A 228 -2.12 7.09 25.86
CA GLY A 228 -1.51 7.40 27.15
C GLY A 228 -0.73 6.25 27.75
N ASP A 229 -0.28 5.33 26.90
CA ASP A 229 0.43 4.14 27.37
C ASP A 229 1.94 4.34 27.44
N VAL A 230 2.44 5.34 26.72
CA VAL A 230 3.87 5.60 26.70
C VAL A 230 4.27 6.42 27.91
N PRO A 231 5.25 5.92 28.69
CA PRO A 231 5.73 6.61 29.88
C PRO A 231 6.30 7.98 29.54
N TYR A 232 6.30 8.88 30.52
CA TYR A 232 6.60 10.29 30.27
C TYR A 232 8.02 10.53 29.72
N ASN A 233 8.11 11.48 28.80
CA ASN A 233 9.36 11.95 28.18
C ASN A 233 10.24 10.87 27.65
N ASN A 234 10.47 10.96 26.37
CA ASN A 234 10.90 9.79 25.67
C ASN A 234 11.35 10.21 24.28
N LEU A 235 12.67 10.14 24.13
CA LEU A 235 13.40 10.72 23.00
C LEU A 235 12.79 10.17 21.75
N LEU A 236 12.30 8.94 21.87
CA LEU A 236 11.38 8.34 20.92
C LEU A 236 10.27 9.31 20.53
N ILE A 237 9.54 9.79 21.53
CA ILE A 237 8.38 10.65 21.28
C ILE A 237 8.80 12.00 20.69
N GLU A 238 9.94 12.52 21.12
CA GLU A 238 10.47 13.75 20.54
C GLU A 238 10.85 13.54 19.08
N MET A 239 11.41 12.36 18.78
CA MET A 239 11.73 12.03 17.38
C MET A 239 10.46 11.92 16.54
N LEU A 240 9.39 11.44 17.16
CA LEU A 240 8.10 11.32 16.48
C LEU A 240 7.43 12.67 16.26
N HIS A 241 7.54 13.55 17.24
CA HIS A 241 6.87 14.85 17.18
C HIS A 241 7.66 15.86 16.36
N ALA A 242 8.86 15.48 15.94
CA ALA A 242 9.69 16.36 15.13
C ALA A 242 9.22 16.39 13.68
N ASN B 3 14.00 20.19 16.99
CA ASN B 3 14.39 19.09 17.89
C ASN B 3 15.56 19.50 18.78
N ALA B 4 15.26 20.28 19.81
CA ALA B 4 16.29 20.83 20.69
C ALA B 4 17.02 19.74 21.47
N LEU B 5 16.31 18.66 21.79
CA LEU B 5 16.89 17.58 22.57
C LEU B 5 17.95 16.83 21.76
N LEU B 6 17.62 16.51 20.51
CA LEU B 6 18.57 15.84 19.63
C LEU B 6 19.81 16.69 19.40
N ARG B 7 19.60 17.99 19.21
CA ARG B 7 20.69 18.94 19.04
C ARG B 7 21.62 18.94 20.25
N TYR B 8 21.01 18.95 21.43
CA TYR B 8 21.76 18.92 22.69
C TYR B 8 22.61 17.66 22.80
N LEU B 9 22.02 16.52 22.46
CA LEU B 9 22.71 15.24 22.58
C LEU B 9 23.91 15.15 21.64
N LEU B 10 23.81 15.80 20.48
CA LEU B 10 24.90 15.77 19.51
C LEU B 10 26.07 16.66 19.96
N ASP B 11 25.83 17.46 20.99
CA ASP B 11 26.87 18.30 21.56
C ASP B 11 27.35 17.76 22.91
N ALA C 3 -40.93 -15.49 -6.37
CA ALA C 3 -39.53 -15.63 -5.97
C ALA C 3 -39.06 -14.44 -5.16
N SER C 4 -38.07 -14.66 -4.30
CA SER C 4 -37.45 -13.57 -3.55
C SER C 4 -35.94 -13.60 -3.76
N ILE C 5 -35.38 -12.47 -4.17
CA ILE C 5 -33.95 -12.37 -4.40
C ILE C 5 -33.32 -11.31 -3.51
N PRO C 6 -32.39 -11.73 -2.62
CA PRO C 6 -31.68 -10.79 -1.73
C PRO C 6 -31.02 -9.65 -2.50
N HIS C 7 -31.07 -8.45 -1.93
CA HIS C 7 -30.52 -7.25 -2.57
C HIS C 7 -29.06 -7.43 -2.99
N LEU C 8 -28.28 -8.10 -2.14
CA LEU C 8 -26.87 -8.34 -2.43
C LEU C 8 -26.67 -9.10 -3.73
N ILE C 9 -27.49 -10.13 -3.94
CA ILE C 9 -27.37 -10.95 -5.14
C ILE C 9 -27.71 -10.13 -6.39
N LEU C 10 -28.63 -9.18 -6.24
CA LEU C 10 -28.93 -8.25 -7.32
C LEU C 10 -27.70 -7.45 -7.70
N GLU C 11 -26.96 -6.99 -6.68
CA GLU C 11 -25.74 -6.22 -6.90
C GLU C 11 -24.68 -7.07 -7.60
N LEU C 12 -24.64 -8.36 -7.26
CA LEU C 12 -23.68 -9.27 -7.87
C LEU C 12 -24.02 -9.50 -9.34
N LEU C 13 -25.32 -9.65 -9.62
CA LEU C 13 -25.79 -9.86 -10.99
C LEU C 13 -25.50 -8.65 -11.87
N LYS C 14 -25.56 -7.46 -11.29
CA LYS C 14 -25.30 -6.23 -12.05
C LYS C 14 -23.86 -6.18 -12.57
N CYS C 15 -22.97 -6.92 -11.92
CA CYS C 15 -21.56 -6.92 -12.28
C CYS C 15 -21.21 -8.00 -13.30
N GLU C 16 -22.21 -8.81 -13.67
CA GLU C 16 -21.99 -9.90 -14.62
C GLU C 16 -21.55 -9.36 -15.97
N PRO C 17 -20.67 -10.10 -16.67
CA PRO C 17 -20.23 -9.65 -17.98
C PRO C 17 -21.37 -9.71 -19.00
N ASP C 18 -21.23 -8.95 -20.07
CA ASP C 18 -22.17 -9.01 -21.18
C ASP C 18 -21.83 -10.24 -22.02
N GLU C 19 -22.59 -11.31 -21.86
CA GLU C 19 -22.27 -12.57 -22.52
C GLU C 19 -22.27 -12.49 -24.06
N PRO C 20 -23.27 -11.83 -24.68
CA PRO C 20 -23.19 -11.70 -26.14
C PRO C 20 -21.96 -10.93 -26.61
N GLN C 21 -21.57 -9.88 -25.89
CA GLN C 21 -20.39 -9.10 -26.27
C GLN C 21 -19.11 -9.90 -26.12
N VAL C 22 -19.01 -10.67 -25.03
CA VAL C 22 -17.82 -11.49 -24.79
C VAL C 22 -17.72 -12.58 -25.85
N GLN C 23 -18.84 -13.23 -26.14
CA GLN C 23 -18.89 -14.28 -27.15
C GLN C 23 -18.42 -13.76 -28.51
N ALA C 24 -18.97 -12.62 -28.93
CA ALA C 24 -18.62 -12.02 -30.20
C ALA C 24 -17.15 -11.62 -30.23
N LYS C 25 -16.66 -11.06 -29.14
CA LYS C 25 -15.27 -10.61 -29.07
C LYS C 25 -14.27 -11.76 -29.23
N ILE C 26 -14.45 -12.82 -28.44
CA ILE C 26 -13.52 -13.96 -28.47
C ILE C 26 -13.62 -14.65 -29.83
N MET C 27 -14.84 -14.74 -30.35
CA MET C 27 -15.08 -15.34 -31.66
CA MET C 27 -15.07 -15.36 -31.65
C MET C 27 -14.31 -14.60 -32.74
N ALA C 28 -14.42 -13.27 -32.72
CA ALA C 28 -13.75 -12.42 -33.71
C ALA C 28 -12.23 -12.50 -33.56
N TYR C 29 -11.76 -12.61 -32.31
CA TYR C 29 -10.34 -12.73 -32.03
C TYR C 29 -9.73 -13.98 -32.67
N LEU C 30 -10.40 -15.11 -32.48
CA LEU C 30 -9.89 -16.37 -33.00
C LEU C 30 -9.97 -16.43 -34.52
N GLN C 31 -11.04 -15.89 -35.08
CA GLN C 31 -11.16 -15.83 -36.54
C GLN C 31 -10.07 -14.94 -37.12
N GLN C 32 -9.76 -13.84 -36.43
CA GLN C 32 -8.72 -12.93 -36.90
C GLN C 32 -7.35 -13.59 -36.78
N GLU C 33 -7.17 -14.37 -35.72
CA GLU C 33 -5.93 -15.09 -35.49
C GLU C 33 -5.63 -16.06 -36.63
N GLN C 34 -6.64 -16.85 -37.01
CA GLN C 34 -6.49 -17.80 -38.10
C GLN C 34 -6.31 -17.08 -39.44
N ALA C 35 -7.01 -15.98 -39.62
CA ALA C 35 -6.91 -15.19 -40.84
C ALA C 35 -5.51 -14.65 -41.07
N ASN C 36 -4.82 -14.35 -39.97
CA ASN C 36 -3.45 -13.83 -40.05
C ASN C 36 -2.41 -14.93 -40.28
N ARG C 37 -2.86 -16.17 -40.31
CA ARG C 37 -1.95 -17.29 -40.52
C ARG C 37 -2.09 -17.90 -41.90
N SER C 38 -0.97 -18.27 -42.50
CA SER C 38 -0.99 -18.92 -43.81
C SER C 38 -1.35 -20.39 -43.64
N LYS C 39 -1.56 -21.08 -44.76
CA LYS C 39 -2.08 -22.45 -44.77
C LYS C 39 -1.34 -23.39 -43.82
N HIS C 40 -0.01 -23.34 -43.86
CA HIS C 40 0.80 -24.23 -43.02
C HIS C 40 0.90 -23.72 -41.58
N GLU C 41 0.43 -22.51 -41.34
CA GLU C 41 0.55 -21.90 -40.02
C GLU C 41 -0.74 -22.01 -39.20
N LYS C 42 -1.82 -22.48 -39.83
CA LYS C 42 -3.13 -22.55 -39.18
C LYS C 42 -3.05 -23.34 -37.87
N LEU C 43 -3.68 -22.79 -36.84
CA LEU C 43 -3.65 -23.43 -35.52
C LEU C 43 -4.44 -24.73 -35.52
N SER C 44 -3.97 -25.70 -34.74
CA SER C 44 -4.71 -26.93 -34.53
C SER C 44 -5.88 -26.66 -33.61
N THR C 45 -6.75 -27.64 -33.45
CA THR C 45 -7.86 -27.53 -32.52
C THR C 45 -7.36 -27.18 -31.12
N PHE C 46 -6.31 -27.86 -30.67
CA PHE C 46 -5.74 -27.59 -29.35
C PHE C 46 -5.21 -26.16 -29.25
N GLY C 47 -4.51 -25.71 -30.28
CA GLY C 47 -3.98 -24.36 -30.32
C GLY C 47 -5.09 -23.32 -30.20
N LEU C 48 -6.16 -23.53 -30.94
CA LEU C 48 -7.32 -22.63 -30.90
C LEU C 48 -7.95 -22.61 -29.52
N MET C 49 -8.14 -23.78 -28.93
CA MET C 49 -8.76 -23.89 -27.62
C MET C 49 -7.90 -23.23 -26.54
N CYS C 50 -6.58 -23.28 -26.71
CA CYS C 50 -5.66 -22.60 -25.81
C CYS C 50 -5.86 -21.10 -25.86
N LYS C 51 -5.93 -20.55 -27.07
CA LYS C 51 -6.14 -19.12 -27.22
C LYS C 51 -7.54 -18.73 -26.75
N MET C 52 -8.49 -19.64 -26.95
CA MET C 52 -9.86 -19.41 -26.48
C MET C 52 -9.91 -19.30 -24.95
N ALA C 53 -9.27 -20.24 -24.28
CA ALA C 53 -9.19 -20.25 -22.82
C ALA C 53 -8.45 -19.01 -22.32
N ASP C 54 -7.41 -18.64 -23.04
CA ASP C 54 -6.65 -17.43 -22.75
C ASP C 54 -7.55 -16.20 -22.75
N GLN C 55 -8.34 -16.06 -23.82
CA GLN C 55 -9.22 -14.90 -23.96
C GLN C 55 -10.32 -14.91 -22.91
N THR C 56 -10.78 -16.09 -22.54
CA THR C 56 -11.77 -16.22 -21.48
C THR C 56 -11.20 -15.69 -20.16
N LEU C 57 -9.95 -16.03 -19.88
CA LEU C 57 -9.29 -15.57 -18.66
C LEU C 57 -9.10 -14.06 -18.69
N PHE C 58 -8.77 -13.51 -19.86
CA PHE C 58 -8.72 -12.06 -20.01
C PHE C 58 -10.07 -11.45 -19.63
N SER C 59 -11.14 -12.09 -20.09
CA SER C 59 -12.49 -11.61 -19.80
C SER C 59 -12.83 -11.71 -18.31
N ILE C 60 -12.34 -12.77 -17.66
CA ILE C 60 -12.58 -12.98 -16.24
C ILE C 60 -11.84 -11.94 -15.40
N VAL C 61 -10.61 -11.63 -15.78
CA VAL C 61 -9.86 -10.58 -15.08
C VAL C 61 -10.55 -9.23 -15.27
N GLU C 62 -11.05 -8.99 -16.47
CA GLU C 62 -11.81 -7.77 -16.77
C GLU C 62 -13.04 -7.66 -15.88
N TRP C 63 -13.74 -8.78 -15.72
CA TRP C 63 -14.93 -8.84 -14.88
C TRP C 63 -14.61 -8.53 -13.42
N ALA C 64 -13.57 -9.17 -12.90
CA ALA C 64 -13.17 -8.98 -11.50
C ALA C 64 -12.80 -7.53 -11.23
N ARG C 65 -11.94 -6.96 -12.09
CA ARG C 65 -11.46 -5.59 -11.94
C ARG C 65 -12.58 -4.56 -11.79
N SER C 66 -13.67 -4.75 -12.51
CA SER C 66 -14.78 -3.79 -12.50
C SER C 66 -15.88 -4.19 -11.51
N SER C 67 -15.72 -5.34 -10.88
CA SER C 67 -16.76 -5.87 -10.00
C SER C 67 -16.82 -5.19 -8.64
N ILE C 68 -18.01 -5.18 -8.06
CA ILE C 68 -18.23 -4.67 -6.70
C ILE C 68 -17.29 -5.37 -5.72
N PHE C 69 -16.88 -4.64 -4.68
CA PHE C 69 -15.97 -5.14 -3.63
C PHE C 69 -14.54 -5.32 -4.15
N PHE C 70 -14.38 -6.13 -5.20
CA PHE C 70 -13.06 -6.43 -5.73
C PHE C 70 -12.33 -5.16 -6.19
N ARG C 71 -13.08 -4.23 -6.78
CA ARG C 71 -12.49 -3.01 -7.31
C ARG C 71 -12.00 -2.06 -6.22
N GLU C 72 -12.25 -2.41 -4.96
CA GLU C 72 -11.83 -1.57 -3.84
C GLU C 72 -10.51 -2.03 -3.26
N LEU C 73 -10.07 -3.23 -3.66
CA LEU C 73 -8.80 -3.78 -3.22
C LEU C 73 -7.65 -3.19 -4.03
N LYS C 74 -6.49 -3.02 -3.39
CA LYS C 74 -5.29 -2.64 -4.13
C LYS C 74 -4.84 -3.80 -5.01
N VAL C 75 -4.01 -3.51 -6.00
CA VAL C 75 -3.64 -4.47 -7.03
C VAL C 75 -3.03 -5.76 -6.47
N ASP C 76 -2.18 -5.65 -5.46
CA ASP C 76 -1.52 -6.83 -4.91
C ASP C 76 -2.50 -7.77 -4.22
N ASP C 77 -3.53 -7.22 -3.57
CA ASP C 77 -4.60 -8.05 -3.03
C ASP C 77 -5.36 -8.72 -4.16
N GLN C 78 -5.66 -7.95 -5.19
CA GLN C 78 -6.35 -8.46 -6.37
C GLN C 78 -5.56 -9.60 -7.03
N MET C 79 -4.25 -9.43 -7.10
CA MET C 79 -3.38 -10.45 -7.69
C MET C 79 -3.41 -11.74 -6.88
N LYS C 80 -3.27 -11.60 -5.56
CA LYS C 80 -3.25 -12.76 -4.67
C LYS C 80 -4.54 -13.57 -4.76
N LEU C 81 -5.66 -12.88 -4.86
CA LEU C 81 -6.95 -13.56 -4.97
C LEU C 81 -7.06 -14.27 -6.31
N LEU C 82 -6.69 -13.58 -7.39
CA LEU C 82 -6.80 -14.17 -8.72
C LEU C 82 -5.79 -15.28 -8.93
N GLN C 83 -4.61 -15.14 -8.32
CA GLN C 83 -3.58 -16.17 -8.44
C GLN C 83 -4.07 -17.46 -7.79
N ASN C 84 -4.93 -17.33 -6.78
CA ASN C 84 -5.44 -18.49 -6.06
C ASN C 84 -6.57 -19.23 -6.79
N CYS C 85 -7.39 -18.50 -7.54
CA CYS C 85 -8.63 -19.06 -8.05
C CYS C 85 -8.84 -18.97 -9.56
N TRP C 86 -7.83 -18.54 -10.30
CA TRP C 86 -8.00 -18.29 -11.74
C TRP C 86 -8.52 -19.52 -12.50
N SER C 87 -7.98 -20.70 -12.19
CA SER C 87 -8.39 -21.92 -12.87
C SER C 87 -9.74 -22.42 -12.37
N GLU C 88 -10.04 -22.14 -11.11
CA GLU C 88 -11.34 -22.49 -10.55
C GLU C 88 -12.45 -21.71 -11.25
N LEU C 89 -12.22 -20.42 -11.46
CA LEU C 89 -13.18 -19.56 -12.14
C LEU C 89 -13.41 -19.99 -13.58
N LEU C 90 -12.32 -20.41 -14.25
CA LEU C 90 -12.42 -20.88 -15.63
C LEU C 90 -13.24 -22.16 -15.71
N ILE C 91 -13.02 -23.07 -14.75
CA ILE C 91 -13.78 -24.31 -14.68
C ILE C 91 -15.24 -24.04 -14.32
N LEU C 92 -15.45 -23.21 -13.30
CA LEU C 92 -16.81 -22.85 -12.90
C LEU C 92 -17.57 -22.22 -14.07
N ASP C 93 -16.90 -21.31 -14.77
CA ASP C 93 -17.47 -20.66 -15.95
C ASP C 93 -17.85 -21.68 -17.02
N HIS C 94 -16.97 -22.64 -17.26
CA HIS C 94 -17.23 -23.72 -18.22
C HIS C 94 -18.39 -24.61 -17.80
N ILE C 95 -18.37 -25.02 -16.54
CA ILE C 95 -19.39 -25.92 -16.02
C ILE C 95 -20.78 -25.28 -16.09
N TYR C 96 -20.90 -24.04 -15.65
CA TYR C 96 -22.19 -23.36 -15.68
C TYR C 96 -22.67 -23.15 -17.12
N ARG C 97 -21.74 -22.88 -18.03
CA ARG C 97 -22.09 -22.73 -19.44
C ARG C 97 -22.75 -24.02 -19.96
N GLN C 98 -22.28 -25.17 -19.50
CA GLN C 98 -22.86 -26.44 -19.90
C GLN C 98 -24.23 -26.65 -19.27
N VAL C 99 -24.39 -26.23 -18.01
CA VAL C 99 -25.66 -26.38 -17.31
C VAL C 99 -26.77 -25.62 -18.05
N VAL C 100 -26.47 -24.40 -18.48
CA VAL C 100 -27.47 -23.55 -19.12
C VAL C 100 -27.55 -23.73 -20.64
N HIS C 101 -26.41 -23.71 -21.31
CA HIS C 101 -26.38 -23.67 -22.77
C HIS C 101 -25.98 -24.99 -23.41
N GLY C 102 -25.62 -25.97 -22.59
CA GLY C 102 -25.16 -27.25 -23.09
C GLY C 102 -26.29 -28.20 -23.46
N LYS C 103 -26.03 -29.05 -24.45
CA LYS C 103 -27.00 -30.05 -24.90
C LYS C 103 -26.49 -31.46 -24.63
N GLU C 104 -27.33 -32.45 -24.91
CA GLU C 104 -26.96 -33.85 -24.69
C GLU C 104 -25.81 -34.27 -25.61
N GLY C 105 -24.75 -34.79 -25.00
CA GLY C 105 -23.64 -35.33 -25.76
C GLY C 105 -22.82 -34.31 -26.53
N SER C 106 -22.82 -33.06 -26.07
CA SER C 106 -21.99 -32.04 -26.69
C SER C 106 -21.58 -30.92 -25.74
N ILE C 107 -20.46 -30.28 -26.06
CA ILE C 107 -19.90 -29.17 -25.28
C ILE C 107 -20.21 -27.83 -25.94
N PHE C 108 -20.73 -26.89 -25.15
CA PHE C 108 -20.95 -25.54 -25.66
C PHE C 108 -19.77 -24.64 -25.29
N LEU C 109 -19.15 -24.05 -26.31
CA LEU C 109 -17.98 -23.21 -26.10
C LEU C 109 -18.37 -21.74 -25.88
N VAL C 110 -17.47 -20.97 -25.29
CA VAL C 110 -17.70 -19.55 -25.06
C VAL C 110 -17.92 -18.82 -26.40
N THR C 111 -17.33 -19.35 -27.47
CA THR C 111 -17.48 -18.75 -28.78
C THR C 111 -18.83 -19.08 -29.44
N GLY C 112 -19.55 -20.04 -28.86
CA GLY C 112 -20.91 -20.31 -29.28
C GLY C 112 -21.14 -21.59 -30.07
N GLN C 113 -20.08 -22.35 -30.32
CA GLN C 113 -20.23 -23.59 -31.07
C GLN C 113 -20.41 -24.80 -30.17
N GLN C 114 -21.11 -25.82 -30.67
CA GLN C 114 -21.28 -27.07 -29.94
C GLN C 114 -20.29 -28.10 -30.45
N VAL C 115 -19.50 -28.66 -29.54
CA VAL C 115 -18.56 -29.72 -29.90
C VAL C 115 -19.04 -31.06 -29.33
N ASP C 116 -19.26 -32.02 -30.22
CA ASP C 116 -19.74 -33.34 -29.81
C ASP C 116 -18.74 -34.05 -28.91
N TYR C 117 -19.23 -34.64 -27.83
CA TYR C 117 -18.38 -35.43 -26.93
C TYR C 117 -17.75 -36.59 -27.68
N SER C 118 -18.38 -37.00 -28.77
CA SER C 118 -17.85 -37.98 -29.73
C SER C 118 -16.43 -37.64 -30.14
N ILE C 119 -16.28 -36.39 -30.57
CA ILE C 119 -15.05 -35.88 -31.10
C ILE C 119 -13.96 -35.98 -30.03
N ILE C 120 -14.30 -35.53 -28.83
CA ILE C 120 -13.35 -35.59 -27.72
C ILE C 120 -12.94 -37.03 -27.45
N ALA C 121 -13.92 -37.93 -27.38
CA ALA C 121 -13.63 -39.35 -27.15
C ALA C 121 -12.76 -39.95 -28.25
N SER C 122 -12.86 -39.39 -29.46
CA SER C 122 -12.15 -39.93 -30.61
C SER C 122 -10.79 -39.27 -30.83
N GLN C 123 -10.67 -38.00 -30.48
CA GLN C 123 -9.48 -37.23 -30.83
C GLN C 123 -8.57 -36.90 -29.65
N ALA C 124 -9.09 -37.05 -28.43
CA ALA C 124 -8.33 -36.67 -27.25
C ALA C 124 -7.73 -37.88 -26.53
N GLY C 125 -6.72 -37.62 -25.70
CA GLY C 125 -6.08 -38.66 -24.92
C GLY C 125 -6.86 -38.99 -23.66
N ALA C 126 -6.34 -39.92 -22.87
CA ALA C 126 -7.00 -40.40 -21.67
C ALA C 126 -7.16 -39.30 -20.62
N THR C 127 -6.14 -38.46 -20.49
CA THR C 127 -6.14 -37.39 -19.49
C THR C 127 -7.25 -36.38 -19.73
N LEU C 128 -7.41 -35.95 -20.98
CA LEU C 128 -8.42 -34.95 -21.30
C LEU C 128 -9.83 -35.54 -21.20
N ASN C 129 -10.02 -36.77 -21.68
CA ASN C 129 -11.32 -37.40 -21.62
C ASN C 129 -11.83 -37.59 -20.19
N ASN C 130 -10.96 -38.06 -19.31
CA ASN C 130 -11.33 -38.25 -17.92
C ASN C 130 -11.56 -36.91 -17.24
N LEU C 131 -10.85 -35.90 -17.70
CA LEU C 131 -11.06 -34.53 -17.25
C LEU C 131 -12.47 -34.08 -17.65
N MET C 132 -12.83 -34.36 -18.90
CA MET C 132 -14.15 -34.04 -19.42
C MET C 132 -15.25 -34.81 -18.71
N SER C 133 -14.98 -36.10 -18.46
CA SER C 133 -15.95 -36.98 -17.82
C SER C 133 -16.29 -36.51 -16.41
N HIS C 134 -15.27 -36.06 -15.68
CA HIS C 134 -15.49 -35.51 -14.34
C HIS C 134 -16.32 -34.24 -14.42
N ALA C 135 -16.06 -33.43 -15.43
CA ALA C 135 -16.82 -32.20 -15.65
C ALA C 135 -18.27 -32.52 -16.00
N GLN C 136 -18.46 -33.52 -16.85
CA GLN C 136 -19.80 -34.00 -17.20
C GLN C 136 -20.60 -34.36 -15.97
N GLU C 137 -20.00 -35.17 -15.10
CA GLU C 137 -20.63 -35.60 -13.85
C GLU C 137 -21.05 -34.41 -13.02
N LEU C 138 -20.19 -33.41 -12.95
CA LEU C 138 -20.46 -32.19 -12.20
C LEU C 138 -21.63 -31.43 -12.82
N VAL C 139 -21.65 -31.36 -14.14
CA VAL C 139 -22.73 -30.68 -14.87
C VAL C 139 -24.06 -31.37 -14.61
N ALA C 140 -24.07 -32.70 -14.70
CA ALA C 140 -25.29 -33.47 -14.46
C ALA C 140 -25.80 -33.29 -13.03
N LYS C 141 -24.87 -33.30 -12.08
CA LYS C 141 -25.20 -33.10 -10.67
C LYS C 141 -25.88 -31.74 -10.45
N LEU C 142 -25.27 -30.70 -10.99
CA LEU C 142 -25.79 -29.34 -10.84
C LEU C 142 -27.14 -29.16 -11.53
N ARG C 143 -27.33 -29.82 -12.67
CA ARG C 143 -28.61 -29.76 -13.36
C ARG C 143 -29.74 -30.32 -12.50
N SER C 144 -29.47 -31.45 -11.84
CA SER C 144 -30.46 -32.10 -11.00
C SER C 144 -30.79 -31.24 -9.78
N LEU C 145 -29.83 -30.46 -9.33
CA LEU C 145 -30.02 -29.57 -8.19
C LEU C 145 -30.77 -28.29 -8.59
N GLN C 146 -31.03 -28.14 -9.89
CA GLN C 146 -31.64 -26.93 -10.44
C GLN C 146 -30.77 -25.70 -10.17
N PHE C 147 -29.47 -25.87 -10.37
CA PHE C 147 -28.48 -24.79 -10.27
C PHE C 147 -28.84 -23.63 -11.20
N ASP C 148 -29.06 -22.44 -10.65
CA ASP C 148 -29.45 -21.29 -11.47
C ASP C 148 -28.45 -20.14 -11.40
N GLN C 149 -28.76 -19.04 -12.08
CA GLN C 149 -27.81 -17.94 -12.26
C GLN C 149 -27.50 -17.19 -10.97
N ARG C 150 -28.49 -17.02 -10.11
CA ARG C 150 -28.27 -16.35 -8.84
C ARG C 150 -27.30 -17.14 -7.96
N GLU C 151 -27.47 -18.46 -7.95
CA GLU C 151 -26.57 -19.32 -7.19
C GLU C 151 -25.18 -19.36 -7.80
N PHE C 152 -25.14 -19.30 -9.13
CA PHE C 152 -23.87 -19.27 -9.86
C PHE C 152 -23.07 -18.02 -9.53
N VAL C 153 -23.70 -16.85 -9.54
CA VAL C 153 -22.97 -15.62 -9.29
C VAL C 153 -22.46 -15.60 -7.84
N CYS C 154 -23.22 -16.19 -6.92
CA CYS C 154 -22.77 -16.33 -5.53
C CYS C 154 -21.51 -17.19 -5.46
N LEU C 155 -21.55 -18.35 -6.09
CA LEU C 155 -20.41 -19.27 -6.06
C LEU C 155 -19.17 -18.64 -6.68
N LYS C 156 -19.37 -17.81 -7.71
CA LYS C 156 -18.25 -17.15 -8.36
C LYS C 156 -17.56 -16.18 -7.40
N PHE C 157 -18.34 -15.46 -6.60
CA PHE C 157 -17.78 -14.54 -5.63
C PHE C 157 -17.15 -15.28 -4.45
N LEU C 158 -17.70 -16.44 -4.11
CA LEU C 158 -17.14 -17.24 -3.02
C LEU C 158 -15.79 -17.82 -3.40
N VAL C 159 -15.67 -18.21 -4.67
CA VAL C 159 -14.40 -18.70 -5.20
C VAL C 159 -13.35 -17.60 -5.23
N LEU C 160 -13.77 -16.42 -5.71
CA LEU C 160 -12.87 -15.28 -5.84
C LEU C 160 -12.39 -14.73 -4.50
N PHE C 161 -13.32 -14.49 -3.58
CA PHE C 161 -12.97 -13.93 -2.28
C PHE C 161 -12.66 -15.02 -1.27
N SER C 162 -11.66 -15.85 -1.57
CA SER C 162 -11.30 -16.97 -0.71
C SER C 162 -10.63 -16.54 0.59
N LEU C 163 -10.90 -17.27 1.66
CA LEU C 163 -10.29 -16.98 2.96
C LEU C 163 -8.96 -17.69 3.14
N ASP C 164 -8.65 -18.61 2.23
CA ASP C 164 -7.47 -19.43 2.36
C ASP C 164 -6.29 -18.89 1.55
N VAL C 165 -6.18 -17.57 1.48
CA VAL C 165 -5.07 -16.93 0.80
C VAL C 165 -4.21 -16.16 1.80
N LYS C 166 -2.90 -16.42 1.78
CA LYS C 166 -1.98 -15.81 2.73
C LYS C 166 -1.79 -14.32 2.44
N LEU C 168 -2.70 -11.32 2.78
CA LEU C 168 -3.75 -10.44 2.30
C LEU C 168 -3.80 -9.14 3.10
N GLU C 169 -3.70 -8.02 2.40
CA GLU C 169 -3.75 -6.70 3.01
C GLU C 169 -5.09 -6.45 3.70
N ASN C 170 -6.15 -6.47 2.90
CA ASN C 170 -7.49 -6.17 3.39
C ASN C 170 -8.33 -7.44 3.57
N PHE C 171 -7.90 -8.30 4.49
CA PHE C 171 -8.63 -9.52 4.78
C PHE C 171 -10.01 -9.20 5.33
N GLN C 172 -10.15 -8.01 5.89
CA GLN C 172 -11.42 -7.52 6.41
C GLN C 172 -12.48 -7.58 5.33
N LEU C 173 -12.20 -6.93 4.21
CA LEU C 173 -13.15 -6.85 3.11
C LEU C 173 -13.43 -8.22 2.53
N VAL C 174 -12.39 -9.02 2.35
CA VAL C 174 -12.52 -10.35 1.79
C VAL C 174 -13.38 -11.24 2.69
N GLU C 175 -13.16 -11.16 4.00
CA GLU C 175 -13.96 -11.92 4.95
C GLU C 175 -15.41 -11.43 4.95
N GLY C 176 -15.58 -10.11 4.85
CA GLY C 176 -16.90 -9.51 4.81
C GLY C 176 -17.71 -9.99 3.61
N VAL C 177 -17.06 -10.07 2.46
CA VAL C 177 -17.72 -10.57 1.26
C VAL C 177 -18.08 -12.04 1.41
N GLN C 178 -17.15 -12.84 1.95
CA GLN C 178 -17.39 -14.27 2.18
C GLN C 178 -18.66 -14.50 2.99
N GLU C 179 -18.77 -13.81 4.12
CA GLU C 179 -19.90 -14.01 5.02
C GLU C 179 -21.20 -13.53 4.39
N GLN C 180 -21.19 -12.34 3.81
CA GLN C 180 -22.40 -11.76 3.24
C GLN C 180 -22.93 -12.55 2.05
N VAL C 181 -22.04 -13.08 1.23
CA VAL C 181 -22.45 -13.85 0.06
C VAL C 181 -22.98 -15.22 0.47
N ASN C 182 -22.32 -15.85 1.42
CA ASN C 182 -22.81 -17.11 1.99
C ASN C 182 -24.20 -16.95 2.55
N ALA C 183 -24.39 -15.89 3.33
CA ALA C 183 -25.67 -15.61 3.97
C ALA C 183 -26.75 -15.37 2.93
N ALA C 184 -26.41 -14.62 1.89
CA ALA C 184 -27.36 -14.30 0.83
C ALA C 184 -27.74 -15.56 0.05
N LEU C 185 -26.74 -16.38 -0.25
CA LEU C 185 -26.96 -17.63 -0.97
C LEU C 185 -27.84 -18.57 -0.15
N LEU C 186 -27.59 -18.63 1.15
CA LEU C 186 -28.37 -19.47 2.05
C LEU C 186 -29.84 -19.02 2.08
N ASP C 187 -30.07 -17.71 2.25
CA ASP C 187 -31.42 -17.18 2.28
C ASP C 187 -32.14 -17.44 0.96
N TYR C 188 -31.41 -17.30 -0.15
CA TYR C 188 -31.98 -17.49 -1.48
C TYR C 188 -32.43 -18.93 -1.70
N THR C 189 -31.60 -19.88 -1.31
CA THR C 189 -31.94 -21.29 -1.49
C THR C 189 -33.09 -21.71 -0.58
N MET C 190 -33.15 -21.14 0.62
CA MET C 190 -34.20 -21.47 1.57
C MET C 190 -35.55 -20.92 1.13
N CYS C 191 -35.52 -19.71 0.55
CA CYS C 191 -36.74 -19.05 0.11
C CYS C 191 -37.30 -19.65 -1.17
N ASN C 192 -36.42 -19.88 -2.15
CA ASN C 192 -36.86 -20.19 -3.50
C ASN C 192 -36.81 -21.67 -3.85
N TYR C 193 -36.10 -22.45 -3.04
CA TYR C 193 -36.09 -23.90 -3.21
C TYR C 193 -36.33 -24.60 -1.87
N PRO C 194 -37.52 -24.37 -1.26
CA PRO C 194 -37.79 -24.93 0.06
C PRO C 194 -37.98 -26.45 0.05
N GLN C 195 -38.20 -27.02 -1.12
CA GLN C 195 -38.38 -28.47 -1.24
C GLN C 195 -37.05 -29.19 -1.15
N GLN C 196 -35.97 -28.48 -1.47
CA GLN C 196 -34.62 -29.02 -1.33
C GLN C 196 -33.98 -28.49 -0.05
N THR C 197 -34.27 -29.16 1.06
CA THR C 197 -33.93 -28.68 2.39
C THR C 197 -32.42 -28.51 2.64
N GLU C 198 -31.60 -29.13 1.80
CA GLU C 198 -30.16 -29.05 1.98
C GLU C 198 -29.45 -28.56 0.73
N LYS C 199 -30.14 -27.76 -0.09
CA LYS C 199 -29.56 -27.30 -1.35
C LYS C 199 -28.31 -26.45 -1.12
N PHE C 200 -28.31 -25.64 -0.06
CA PHE C 200 -27.16 -24.81 0.27
C PHE C 200 -25.89 -25.63 0.45
N GLY C 201 -25.98 -26.67 1.28
CA GLY C 201 -24.86 -27.56 1.50
C GLY C 201 -24.49 -28.34 0.26
N GLN C 202 -25.49 -28.73 -0.51
CA GLN C 202 -25.26 -29.48 -1.75
C GLN C 202 -24.51 -28.63 -2.76
N LEU C 203 -24.84 -27.34 -2.82
CA LEU C 203 -24.13 -26.41 -3.70
C LEU C 203 -22.68 -26.24 -3.26
N LEU C 204 -22.48 -26.02 -1.96
CA LEU C 204 -21.13 -25.85 -1.42
C LEU C 204 -20.23 -27.05 -1.70
N LEU C 205 -20.80 -28.24 -1.63
CA LEU C 205 -20.03 -29.47 -1.80
C LEU C 205 -19.54 -29.67 -3.24
N ARG C 206 -20.00 -28.83 -4.15
CA ARG C 206 -19.53 -28.91 -5.53
C ARG C 206 -18.22 -28.14 -5.68
N LEU C 207 -17.93 -27.26 -4.73
CA LEU C 207 -16.71 -26.45 -4.76
C LEU C 207 -15.41 -27.29 -4.67
N PRO C 208 -15.33 -28.27 -3.74
CA PRO C 208 -14.09 -29.06 -3.77
C PRO C 208 -13.96 -29.90 -5.05
N GLU C 209 -15.08 -30.23 -5.67
CA GLU C 209 -15.07 -30.98 -6.92
C GLU C 209 -14.56 -30.10 -8.06
N ILE C 210 -15.00 -28.85 -8.08
CA ILE C 210 -14.51 -27.86 -9.03
C ILE C 210 -13.01 -27.65 -8.86
N ARG C 211 -12.58 -27.50 -7.61
CA ARG C 211 -11.18 -27.24 -7.31
C ARG C 211 -10.28 -28.42 -7.73
N ALA C 212 -10.78 -29.64 -7.53
CA ALA C 212 -10.05 -30.84 -7.94
C ALA C 212 -9.88 -30.89 -9.45
N ILE C 213 -10.98 -30.65 -10.17
CA ILE C 213 -10.95 -30.59 -11.62
C ILE C 213 -10.01 -29.48 -12.10
N SER C 214 -10.08 -28.34 -11.42
CA SER C 214 -9.23 -27.20 -11.77
C SER C 214 -7.76 -27.53 -11.62
N MET C 215 -7.42 -28.31 -10.60
CA MET C 215 -6.04 -28.68 -10.36
C MET C 215 -5.51 -29.61 -11.44
N GLN C 216 -6.31 -30.60 -11.82
CA GLN C 216 -5.89 -31.53 -12.85
C GLN C 216 -5.82 -30.87 -14.22
N ALA C 217 -6.68 -29.88 -14.44
CA ALA C 217 -6.66 -29.11 -15.68
C ALA C 217 -5.39 -28.28 -15.78
N GLU C 218 -5.00 -27.66 -14.67
CA GLU C 218 -3.72 -26.94 -14.60
C GLU C 218 -2.57 -27.87 -14.96
N GLU C 219 -2.56 -29.05 -14.36
CA GLU C 219 -1.50 -30.03 -14.57
C GLU C 219 -1.47 -30.53 -16.00
N TYR C 220 -2.65 -30.78 -16.56
CA TYR C 220 -2.78 -31.22 -17.95
C TYR C 220 -2.21 -30.19 -18.92
N LEU C 221 -2.59 -28.93 -18.73
CA LEU C 221 -2.12 -27.86 -19.61
C LEU C 221 -0.61 -27.65 -19.47
N TYR C 222 -0.11 -27.71 -18.25
CA TYR C 222 1.32 -27.53 -18.00
C TYR C 222 2.14 -28.54 -18.78
N TYR C 223 1.70 -29.79 -18.79
CA TYR C 223 2.44 -30.85 -19.46
C TYR C 223 2.23 -30.81 -20.98
N LYS C 224 1.09 -30.29 -21.42
CA LYS C 224 0.92 -30.04 -22.85
C LYS C 224 1.94 -29.00 -23.29
N HIS C 225 2.17 -28.01 -22.44
CA HIS C 225 3.15 -26.96 -22.70
C HIS C 225 4.57 -27.51 -22.79
N LEU C 226 4.88 -28.48 -21.96
CA LEU C 226 6.21 -29.10 -21.96
C LEU C 226 6.49 -29.83 -23.27
N ASN C 227 5.43 -30.28 -23.93
CA ASN C 227 5.58 -30.98 -25.21
C ASN C 227 5.66 -30.01 -26.38
N GLY C 228 5.40 -28.74 -26.11
CA GLY C 228 5.47 -27.70 -27.12
C GLY C 228 4.20 -27.58 -27.94
N ASP C 229 3.08 -27.99 -27.36
CA ASP C 229 1.79 -27.95 -28.06
C ASP C 229 1.03 -26.65 -27.81
N VAL C 230 1.37 -25.96 -26.72
CA VAL C 230 0.68 -24.73 -26.39
C VAL C 230 1.21 -23.56 -27.21
N PRO C 231 0.31 -22.89 -27.94
CA PRO C 231 0.68 -21.72 -28.74
C PRO C 231 1.29 -20.63 -27.88
N TYR C 232 2.05 -19.76 -28.52
CA TYR C 232 2.95 -18.84 -27.84
C TYR C 232 2.25 -17.62 -27.21
N ASN C 233 2.87 -17.07 -26.18
CA ASN C 233 2.36 -15.93 -25.41
C ASN C 233 0.95 -16.17 -24.86
N ASN C 234 0.88 -16.94 -23.78
CA ASN C 234 -0.40 -17.31 -23.17
C ASN C 234 -0.45 -16.86 -21.71
N LEU C 235 -1.56 -16.24 -21.32
CA LEU C 235 -1.74 -15.79 -19.94
C LEU C 235 -1.93 -16.97 -19.00
N LEU C 236 -2.52 -18.06 -19.50
CA LEU C 236 -2.68 -19.27 -18.71
C LEU C 236 -1.32 -19.80 -18.27
N ILE C 237 -0.37 -19.81 -19.20
CA ILE C 237 0.98 -20.29 -18.92
C ILE C 237 1.65 -19.42 -17.87
N GLU C 238 1.42 -18.11 -17.96
CA GLU C 238 1.97 -17.18 -16.97
C GLU C 238 1.36 -17.40 -15.60
N MET C 239 0.07 -17.73 -15.57
CA MET C 239 -0.59 -18.07 -14.31
C MET C 239 0.04 -19.33 -13.74
N LEU C 240 0.35 -20.29 -14.61
CA LEU C 240 0.97 -21.55 -14.20
C LEU C 240 2.40 -21.34 -13.69
N HIS C 241 3.16 -20.49 -14.38
CA HIS C 241 4.56 -20.27 -14.03
C HIS C 241 4.72 -19.38 -12.81
N ALA C 242 3.63 -18.74 -12.39
CA ALA C 242 3.65 -17.88 -11.22
C ALA C 242 3.65 -18.71 -9.93
N ASN D 3 4.14 -12.09 -11.00
CA ASN D 3 3.25 -12.09 -12.15
C ASN D 3 2.98 -10.68 -12.67
N ALA D 4 3.92 -10.16 -13.45
CA ALA D 4 3.84 -8.79 -13.94
C ALA D 4 2.74 -8.61 -14.99
N LEU D 5 2.41 -9.67 -15.71
CA LEU D 5 1.41 -9.59 -16.76
C LEU D 5 0.00 -9.43 -16.18
N LEU D 6 -0.35 -10.28 -15.23
CA LEU D 6 -1.64 -10.20 -14.56
C LEU D 6 -1.83 -8.83 -13.92
N ARG D 7 -0.72 -8.30 -13.42
CA ARG D 7 -0.71 -7.02 -12.73
C ARG D 7 -0.97 -5.86 -13.68
N TYR D 8 -0.37 -5.95 -14.87
CA TYR D 8 -0.58 -4.96 -15.92
C TYR D 8 -2.05 -4.95 -16.36
N LEU D 9 -2.65 -6.13 -16.40
CA LEU D 9 -4.05 -6.27 -16.81
C LEU D 9 -4.98 -5.63 -15.78
N LEU D 10 -4.56 -5.61 -14.53
CA LEU D 10 -5.36 -5.03 -13.45
C LEU D 10 -5.26 -3.51 -13.41
N ASP D 11 -4.43 -2.94 -14.28
CA ASP D 11 -4.27 -1.49 -14.37
C ASP D 11 -4.50 -0.99 -15.79
N LYS D 12 -5.44 -0.06 -15.97
CA LYS D 12 -5.70 0.50 -17.29
C LYS D 12 -5.69 2.04 -17.27
N ALA E 1 20.82 25.47 -52.07
CA ALA E 1 20.92 24.05 -52.36
C ALA E 1 19.78 23.27 -51.71
N ALA E 2 19.23 22.33 -52.46
CA ALA E 2 18.14 21.50 -51.95
C ALA E 2 18.65 20.39 -51.05
N ALA E 3 17.83 19.99 -50.09
CA ALA E 3 18.18 18.90 -49.19
C ALA E 3 18.00 17.55 -49.87
N SER E 4 18.80 16.58 -49.46
CA SER E 4 18.67 15.22 -49.96
C SER E 4 18.55 14.25 -48.79
N ILE E 5 17.53 13.40 -48.84
CA ILE E 5 17.29 12.45 -47.77
C ILE E 5 17.32 11.04 -48.34
N PRO E 6 18.27 10.22 -47.88
CA PRO E 6 18.39 8.82 -48.31
C PRO E 6 17.07 8.09 -48.12
N HIS E 7 16.72 7.22 -49.06
CA HIS E 7 15.46 6.50 -49.01
C HIS E 7 15.28 5.76 -47.69
N LEU E 8 16.35 5.17 -47.18
CA LEU E 8 16.30 4.42 -45.95
C LEU E 8 15.81 5.26 -44.78
N ILE E 9 16.27 6.52 -44.72
CA ILE E 9 15.88 7.41 -43.64
C ILE E 9 14.40 7.76 -43.74
N LEU E 10 13.89 7.89 -44.96
CA LEU E 10 12.46 8.09 -45.19
C LEU E 10 11.66 6.97 -44.55
N GLU E 11 12.13 5.74 -44.73
CA GLU E 11 11.48 4.56 -44.16
C GLU E 11 11.55 4.58 -42.64
N LEU E 12 12.67 5.02 -42.09
CA LEU E 12 12.81 5.14 -40.64
C LEU E 12 11.84 6.18 -40.09
N LEU E 13 11.73 7.30 -40.80
CA LEU E 13 10.84 8.39 -40.37
C LEU E 13 9.38 7.96 -40.38
N LYS E 14 9.01 7.10 -41.32
CA LYS E 14 7.64 6.64 -41.43
C LYS E 14 7.22 5.79 -40.24
N CYS E 15 8.21 5.27 -39.52
CA CYS E 15 7.95 4.41 -38.37
C CYS E 15 7.88 5.18 -37.05
N GLU E 16 8.11 6.48 -37.11
CA GLU E 16 8.13 7.31 -35.90
C GLU E 16 6.79 7.33 -35.20
N PRO E 17 6.79 7.38 -33.87
CA PRO E 17 5.53 7.43 -33.13
C PRO E 17 4.79 8.73 -33.40
N ASP E 18 3.47 8.69 -33.25
CA ASP E 18 2.65 9.87 -33.36
C ASP E 18 2.79 10.67 -32.07
N GLU E 19 3.55 11.76 -32.13
CA GLU E 19 3.86 12.54 -30.93
C GLU E 19 2.63 13.18 -30.28
N PRO E 20 1.72 13.79 -31.07
CA PRO E 20 0.50 14.31 -30.42
C PRO E 20 -0.33 13.24 -29.72
N GLN E 21 -0.41 12.04 -30.31
CA GLN E 21 -1.19 10.96 -29.72
C GLN E 21 -0.55 10.44 -28.43
N VAL E 22 0.76 10.26 -28.45
CA VAL E 22 1.48 9.80 -27.27
C VAL E 22 1.34 10.80 -26.14
N GLN E 23 1.55 12.08 -26.46
CA GLN E 23 1.48 13.15 -25.47
C GLN E 23 0.11 13.20 -24.79
N ALA E 24 -0.95 13.12 -25.58
CA ALA E 24 -2.30 13.16 -25.04
C ALA E 24 -2.59 11.93 -24.19
N LYS E 25 -2.10 10.77 -24.63
CA LYS E 25 -2.37 9.52 -23.91
C LYS E 25 -1.69 9.49 -22.55
N ILE E 26 -0.43 9.91 -22.50
CA ILE E 26 0.31 9.91 -21.25
C ILE E 26 -0.25 10.98 -20.30
N MET E 27 -0.62 12.13 -20.86
CA MET E 27 -1.21 13.18 -20.04
CA MET E 27 -1.25 13.19 -20.07
C MET E 27 -2.54 12.71 -19.41
N ALA E 28 -3.39 12.09 -20.22
CA ALA E 28 -4.68 11.59 -19.74
C ALA E 28 -4.49 10.52 -18.68
N TYR E 29 -3.49 9.67 -18.87
CA TYR E 29 -3.21 8.59 -17.93
C TYR E 29 -2.83 9.15 -16.56
N LEU E 30 -1.94 10.14 -16.56
CA LEU E 30 -1.45 10.72 -15.31
C LEU E 30 -2.54 11.50 -14.60
N GLN E 31 -3.37 12.22 -15.35
CA GLN E 31 -4.46 12.96 -14.75
C GLN E 31 -5.46 12.00 -14.11
N GLN E 32 -5.69 10.87 -14.76
CA GLN E 32 -6.65 9.89 -14.25
C GLN E 32 -6.09 9.18 -13.02
N GLU E 33 -4.78 8.99 -13.00
CA GLU E 33 -4.11 8.37 -11.86
C GLU E 33 -4.29 9.22 -10.60
N GLN E 34 -4.06 10.52 -10.73
CA GLN E 34 -4.22 11.44 -9.62
C GLN E 34 -5.68 11.60 -9.21
N ALA E 35 -6.57 11.56 -10.19
CA ALA E 35 -8.00 11.70 -9.93
C ALA E 35 -8.53 10.52 -9.13
N ASN E 36 -7.92 9.36 -9.32
CA ASN E 36 -8.32 8.15 -8.61
C ASN E 36 -7.77 8.09 -7.19
N ARG E 37 -6.94 9.06 -6.83
CA ARG E 37 -6.36 9.12 -5.49
C ARG E 37 -7.01 10.20 -4.63
N SER E 38 -7.25 9.89 -3.36
CA SER E 38 -7.72 10.90 -2.42
C SER E 38 -6.56 11.82 -2.04
N LYS E 39 -6.86 12.84 -1.23
CA LYS E 39 -5.90 13.91 -0.96
C LYS E 39 -4.55 13.42 -0.43
N HIS E 40 -4.57 12.54 0.57
CA HIS E 40 -3.34 12.12 1.22
C HIS E 40 -2.53 11.12 0.39
N GLU E 41 -3.13 10.56 -0.65
CA GLU E 41 -2.43 9.56 -1.45
C GLU E 41 -2.05 10.07 -2.84
N LYS E 42 -2.17 11.37 -3.06
CA LYS E 42 -1.73 11.98 -4.30
C LYS E 42 -0.24 11.72 -4.52
N LEU E 43 0.14 11.42 -5.75
CA LEU E 43 1.54 11.16 -6.06
C LEU E 43 2.37 12.43 -5.93
N SER E 44 3.60 12.27 -5.45
CA SER E 44 4.57 13.36 -5.43
C SER E 44 5.05 13.63 -6.85
N THR E 45 5.83 14.69 -7.01
CA THR E 45 6.40 14.99 -8.32
C THR E 45 7.22 13.80 -8.82
N PHE E 46 8.01 13.20 -7.94
CA PHE E 46 8.83 12.06 -8.31
C PHE E 46 7.99 10.86 -8.75
N GLY E 47 6.91 10.59 -8.02
CA GLY E 47 6.03 9.48 -8.34
C GLY E 47 5.37 9.66 -9.69
N LEU E 48 4.99 10.90 -10.00
CA LEU E 48 4.38 11.22 -11.28
C LEU E 48 5.37 11.02 -12.42
N MET E 49 6.60 11.48 -12.22
CA MET E 49 7.63 11.34 -13.24
C MET E 49 7.99 9.89 -13.47
N CYS E 50 7.94 9.09 -12.41
CA CYS E 50 8.16 7.65 -12.52
C CYS E 50 7.10 7.02 -13.40
N LYS E 51 5.83 7.34 -13.15
CA LYS E 51 4.74 6.82 -13.96
C LYS E 51 4.83 7.35 -15.38
N MET E 52 5.27 8.60 -15.52
CA MET E 52 5.41 9.21 -16.83
C MET E 52 6.49 8.49 -17.64
N ALA E 53 7.60 8.19 -16.98
CA ALA E 53 8.70 7.46 -17.63
C ALA E 53 8.24 6.06 -18.00
N ASP E 54 7.46 5.46 -17.10
CA ASP E 54 6.89 4.14 -17.32
C ASP E 54 6.03 4.10 -18.58
N GLN E 55 5.14 5.09 -18.70
CA GLN E 55 4.27 5.18 -19.87
C GLN E 55 5.06 5.46 -21.14
N THR E 56 6.11 6.26 -21.02
CA THR E 56 6.99 6.54 -22.15
C THR E 56 7.62 5.25 -22.66
N LEU E 57 8.02 4.39 -21.75
CA LEU E 57 8.64 3.12 -22.11
C LEU E 57 7.63 2.22 -22.85
N PHE E 58 6.37 2.26 -22.41
CA PHE E 58 5.31 1.55 -23.13
C PHE E 58 5.25 2.00 -24.59
N SER E 59 5.29 3.31 -24.80
CA SER E 59 5.21 3.88 -26.14
C SER E 59 6.44 3.51 -26.97
N ILE E 60 7.60 3.41 -26.31
CA ILE E 60 8.83 3.02 -26.99
C ILE E 60 8.74 1.57 -27.47
N VAL E 61 8.25 0.69 -26.61
CA VAL E 61 8.06 -0.70 -26.96
C VAL E 61 7.10 -0.84 -28.15
N GLU E 62 6.01 -0.08 -28.11
CA GLU E 62 5.04 -0.09 -29.19
C GLU E 62 5.67 0.42 -30.49
N TRP E 63 6.52 1.44 -30.38
CA TRP E 63 7.24 1.97 -31.52
C TRP E 63 8.12 0.90 -32.16
N ALA E 64 8.91 0.24 -31.32
CA ALA E 64 9.85 -0.78 -31.79
C ALA E 64 9.14 -1.93 -32.51
N ARG E 65 8.09 -2.45 -31.87
CA ARG E 65 7.35 -3.59 -32.37
C ARG E 65 6.86 -3.41 -33.81
N SER E 66 6.46 -2.19 -34.14
CA SER E 66 5.90 -1.92 -35.46
C SER E 66 6.93 -1.32 -36.42
N SER E 67 8.18 -1.22 -35.98
CA SER E 67 9.22 -0.58 -36.79
C SER E 67 9.80 -1.49 -37.86
N ILE E 68 10.24 -0.89 -38.95
CA ILE E 68 10.92 -1.60 -40.03
C ILE E 68 12.13 -2.36 -39.47
N PHE E 69 12.42 -3.51 -40.07
CA PHE E 69 13.51 -4.40 -39.65
C PHE E 69 13.21 -5.11 -38.33
N PHE E 70 12.93 -4.34 -37.28
CA PHE E 70 12.69 -4.90 -35.95
C PHE E 70 11.49 -5.86 -35.95
N ARG E 71 10.48 -5.55 -36.74
CA ARG E 71 9.28 -6.38 -36.79
C ARG E 71 9.52 -7.70 -37.53
N GLU E 72 10.70 -7.85 -38.11
CA GLU E 72 11.04 -9.09 -38.81
C GLU E 72 11.83 -10.03 -37.91
N LEU E 73 12.09 -9.59 -36.68
CA LEU E 73 12.82 -10.40 -35.71
C LEU E 73 11.88 -11.30 -34.91
N LYS E 74 12.41 -12.43 -34.45
CA LYS E 74 11.70 -13.26 -33.49
C LYS E 74 11.51 -12.49 -32.21
N VAL E 75 10.49 -12.85 -31.44
CA VAL E 75 10.18 -12.13 -30.21
C VAL E 75 11.33 -12.20 -29.20
N ASP E 76 12.00 -13.34 -29.16
CA ASP E 76 13.13 -13.52 -28.26
C ASP E 76 14.28 -12.58 -28.64
N ASP E 77 14.52 -12.41 -29.94
CA ASP E 77 15.50 -11.43 -30.40
C ASP E 77 15.04 -10.02 -30.04
N GLN E 78 13.76 -9.73 -30.26
CA GLN E 78 13.20 -8.43 -29.93
C GLN E 78 13.37 -8.09 -28.45
N MET E 79 13.14 -9.07 -27.58
CA MET E 79 13.27 -8.86 -26.15
C MET E 79 14.71 -8.60 -25.76
N LYS E 80 15.63 -9.35 -26.36
CA LYS E 80 17.06 -9.21 -26.07
C LYS E 80 17.55 -7.81 -26.42
N LEU E 81 17.10 -7.29 -27.56
CA LEU E 81 17.51 -5.96 -28.00
C LEU E 81 16.96 -4.88 -27.06
N LEU E 82 15.68 -4.98 -26.73
CA LEU E 82 15.04 -4.00 -25.86
C LEU E 82 15.54 -4.05 -24.42
N GLN E 83 15.79 -5.26 -23.90
CA GLN E 83 16.31 -5.38 -22.54
C GLN E 83 17.66 -4.70 -22.45
N ASN E 84 18.34 -4.61 -23.59
CA ASN E 84 19.67 -4.04 -23.66
C ASN E 84 19.72 -2.52 -23.74
N CYS E 85 18.74 -1.92 -24.42
CA CYS E 85 18.84 -0.51 -24.76
C CYS E 85 17.68 0.34 -24.23
N TRP E 86 16.79 -0.26 -23.44
CA TRP E 86 15.56 0.43 -23.04
C TRP E 86 15.81 1.79 -22.39
N SER E 87 16.80 1.86 -21.51
CA SER E 87 17.08 3.10 -20.79
C SER E 87 17.80 4.10 -21.70
N GLU E 88 18.57 3.59 -22.65
CA GLU E 88 19.23 4.45 -23.62
C GLU E 88 18.21 5.13 -24.53
N LEU E 89 17.17 4.39 -24.92
CA LEU E 89 16.10 4.97 -25.74
C LEU E 89 15.31 6.02 -24.96
N LEU E 90 15.10 5.77 -23.68
CA LEU E 90 14.40 6.72 -22.84
C LEU E 90 15.19 8.03 -22.71
N ILE E 91 16.49 7.90 -22.50
CA ILE E 91 17.37 9.07 -22.38
C ILE E 91 17.50 9.81 -23.71
N LEU E 92 17.68 9.06 -24.80
CA LEU E 92 17.79 9.67 -26.12
C LEU E 92 16.50 10.43 -26.47
N ASP E 93 15.36 9.82 -26.14
CA ASP E 93 14.06 10.44 -26.32
C ASP E 93 13.97 11.78 -25.57
N HIS E 94 14.40 11.76 -24.31
CA HIS E 94 14.39 12.96 -23.48
C HIS E 94 15.32 14.04 -24.01
N ILE E 95 16.53 13.64 -24.37
CA ILE E 95 17.53 14.59 -24.86
C ILE E 95 17.06 15.30 -26.12
N TYR E 96 16.56 14.53 -27.08
CA TYR E 96 16.09 15.11 -28.32
C TYR E 96 14.89 16.03 -28.09
N ARG E 97 14.03 15.65 -27.15
CA ARG E 97 12.89 16.49 -26.80
C ARG E 97 13.35 17.88 -26.35
N GLN E 98 14.44 17.91 -25.58
CA GLN E 98 15.00 19.19 -25.13
C GLN E 98 15.64 19.96 -26.29
N VAL E 99 16.26 19.24 -27.22
CA VAL E 99 16.89 19.88 -28.37
C VAL E 99 15.86 20.63 -29.21
N VAL E 100 14.72 20.00 -29.44
CA VAL E 100 13.70 20.57 -30.31
C VAL E 100 12.72 21.47 -29.57
N HIS E 101 12.19 20.97 -28.45
CA HIS E 101 11.10 21.65 -27.76
C HIS E 101 11.52 22.39 -26.50
N GLY E 102 12.78 22.22 -26.11
CA GLY E 102 13.26 22.80 -24.87
C GLY E 102 13.64 24.26 -24.96
N LYS E 103 13.51 24.97 -23.84
CA LYS E 103 13.91 26.37 -23.75
C LYS E 103 14.90 26.59 -22.63
N GLU E 104 15.52 27.77 -22.64
CA GLU E 104 16.48 28.15 -21.60
C GLU E 104 15.83 28.16 -20.22
N GLY E 105 16.38 27.36 -19.32
CA GLY E 105 15.93 27.35 -17.94
C GLY E 105 14.69 26.49 -17.67
N SER E 106 14.36 25.61 -18.60
CA SER E 106 13.23 24.70 -18.38
C SER E 106 13.43 23.36 -19.06
N ILE E 107 12.75 22.34 -18.53
CA ILE E 107 12.76 21.01 -19.09
C ILE E 107 11.39 20.70 -19.69
N PHE E 108 11.36 20.25 -20.94
CA PHE E 108 10.10 19.92 -21.59
C PHE E 108 9.77 18.44 -21.42
N LEU E 109 8.56 18.16 -20.95
CA LEU E 109 8.14 16.79 -20.68
C LEU E 109 7.35 16.21 -21.85
N VAL E 110 7.26 14.88 -21.90
CA VAL E 110 6.52 14.20 -22.95
C VAL E 110 5.03 14.56 -22.86
N THR E 111 4.59 14.96 -21.67
CA THR E 111 3.21 15.36 -21.45
C THR E 111 2.94 16.79 -21.94
N GLY E 112 4.00 17.49 -22.34
CA GLY E 112 3.86 18.80 -22.95
C GLY E 112 4.09 20.00 -22.05
N GLN E 113 4.41 19.76 -20.79
CA GLN E 113 4.63 20.87 -19.86
C GLN E 113 6.08 21.25 -19.70
N GLN E 114 6.32 22.52 -19.37
CA GLN E 114 7.67 22.93 -19.02
C GLN E 114 7.93 22.96 -17.53
N VAL E 115 8.96 22.24 -17.10
CA VAL E 115 9.35 22.27 -15.71
C VAL E 115 10.51 23.23 -15.52
N ASP E 116 10.28 24.27 -14.73
CA ASP E 116 11.32 25.26 -14.45
C ASP E 116 12.53 24.64 -13.76
N TYR E 117 13.72 25.00 -14.25
CA TYR E 117 14.96 24.41 -13.78
C TYR E 117 15.25 24.72 -12.31
N SER E 118 14.79 25.88 -11.85
CA SER E 118 14.99 26.27 -10.45
C SER E 118 14.21 25.37 -9.51
N ILE E 119 13.10 24.81 -10.00
CA ILE E 119 12.35 23.81 -9.25
C ILE E 119 13.24 22.58 -9.03
N ILE E 120 13.89 22.14 -10.09
CA ILE E 120 14.82 21.03 -10.02
C ILE E 120 16.01 21.36 -9.11
N ALA E 121 16.58 22.54 -9.29
CA ALA E 121 17.74 22.96 -8.52
C ALA E 121 17.46 23.02 -7.02
N SER E 122 16.21 23.28 -6.67
CA SER E 122 15.85 23.48 -5.27
C SER E 122 15.19 22.25 -4.63
N GLN E 123 14.74 21.31 -5.46
CA GLN E 123 14.02 20.15 -4.93
C GLN E 123 14.72 18.82 -5.18
N ALA E 124 15.63 18.78 -6.15
CA ALA E 124 16.31 17.54 -6.49
C ALA E 124 17.57 17.33 -5.67
N GLY E 125 17.93 16.07 -5.47
CA GLY E 125 19.14 15.73 -4.73
C GLY E 125 20.37 15.81 -5.61
N ALA E 126 21.52 15.44 -5.05
CA ALA E 126 22.80 15.51 -5.74
C ALA E 126 22.85 14.62 -6.97
N THR E 127 22.37 13.39 -6.82
CA THR E 127 22.44 12.41 -7.90
C THR E 127 21.61 12.84 -9.11
N LEU E 128 20.41 13.35 -8.86
CA LEU E 128 19.54 13.76 -9.97
C LEU E 128 20.07 15.02 -10.67
N ASN E 129 20.56 15.98 -9.90
CA ASN E 129 21.07 17.21 -10.49
C ASN E 129 22.33 16.96 -11.31
N ASN E 130 23.14 15.99 -10.90
CA ASN E 130 24.30 15.59 -11.68
C ASN E 130 23.87 14.96 -12.99
N LEU E 131 22.81 14.15 -12.93
CA LEU E 131 22.22 13.55 -14.13
C LEU E 131 21.70 14.62 -15.07
N MET E 132 20.97 15.58 -14.52
CA MET E 132 20.39 16.68 -15.29
C MET E 132 21.48 17.53 -15.93
N SER E 133 22.55 17.77 -15.18
CA SER E 133 23.67 18.58 -15.68
C SER E 133 24.35 17.90 -16.86
N HIS E 134 24.59 16.59 -16.74
CA HIS E 134 25.19 15.81 -17.82
C HIS E 134 24.30 15.80 -19.06
N ALA E 135 23.00 15.67 -18.83
CA ALA E 135 22.03 15.65 -19.92
C ALA E 135 22.00 16.98 -20.66
N GLN E 136 21.99 18.07 -19.90
CA GLN E 136 21.90 19.40 -20.51
C GLN E 136 23.17 19.75 -21.28
N GLU E 137 24.33 19.26 -20.81
CA GLU E 137 25.57 19.41 -21.55
C GLU E 137 25.44 18.74 -22.92
N LEU E 138 24.81 17.58 -22.93
CA LEU E 138 24.58 16.83 -24.15
C LEU E 138 23.62 17.58 -25.09
N VAL E 139 22.56 18.12 -24.51
CA VAL E 139 21.58 18.90 -25.28
C VAL E 139 22.24 20.09 -25.95
N ALA E 140 23.06 20.82 -25.19
CA ALA E 140 23.75 21.98 -25.72
C ALA E 140 24.74 21.58 -26.82
N LYS E 141 25.39 20.44 -26.65
CA LYS E 141 26.32 19.94 -27.65
C LYS E 141 25.60 19.60 -28.95
N LEU E 142 24.47 18.90 -28.83
CA LEU E 142 23.70 18.51 -30.00
C LEU E 142 23.09 19.71 -30.70
N ARG E 143 22.69 20.72 -29.94
CA ARG E 143 22.17 21.95 -30.52
C ARG E 143 23.22 22.65 -31.39
N SER E 144 24.45 22.71 -30.88
CA SER E 144 25.54 23.34 -31.62
C SER E 144 25.92 22.55 -32.86
N LEU E 145 25.61 21.26 -32.85
CA LEU E 145 25.89 20.40 -33.99
C LEU E 145 24.76 20.47 -35.03
N GLN E 146 23.70 21.20 -34.70
CA GLN E 146 22.51 21.29 -35.53
C GLN E 146 21.90 19.89 -35.74
N PHE E 147 21.85 19.14 -34.65
CA PHE E 147 21.19 17.84 -34.58
C PHE E 147 19.73 17.94 -35.05
N ASP E 148 19.37 17.21 -36.12
CA ASP E 148 17.99 17.27 -36.60
C ASP E 148 17.28 15.90 -36.54
N GLN E 149 16.02 15.89 -37.00
CA GLN E 149 15.17 14.72 -36.84
C GLN E 149 15.62 13.52 -37.65
N ARG E 150 16.19 13.76 -38.82
CA ARG E 150 16.66 12.67 -39.66
C ARG E 150 17.86 11.98 -39.00
N GLU E 151 18.71 12.76 -38.35
CA GLU E 151 19.86 12.19 -37.63
C GLU E 151 19.41 11.50 -36.35
N PHE E 152 18.39 12.08 -35.72
CA PHE E 152 17.81 11.51 -34.51
C PHE E 152 17.27 10.11 -34.74
N VAL E 153 16.48 9.93 -35.80
CA VAL E 153 15.86 8.63 -36.04
C VAL E 153 16.93 7.58 -36.37
N CYS E 154 18.03 8.01 -36.98
CA CYS E 154 19.15 7.11 -37.25
C CYS E 154 19.75 6.62 -35.96
N LEU E 155 20.06 7.56 -35.06
CA LEU E 155 20.66 7.20 -33.77
C LEU E 155 19.73 6.29 -32.98
N LYS E 156 18.42 6.52 -33.09
CA LYS E 156 17.45 5.64 -32.43
C LYS E 156 17.62 4.20 -32.87
N PHE E 157 17.74 3.99 -34.17
CA PHE E 157 17.88 2.64 -34.71
C PHE E 157 19.25 2.04 -34.38
N LEU E 158 20.27 2.90 -34.34
CA LEU E 158 21.61 2.43 -33.97
C LEU E 158 21.67 1.98 -32.51
N VAL E 159 20.92 2.65 -31.64
CA VAL E 159 20.84 2.28 -30.23
C VAL E 159 20.06 0.97 -30.06
N LEU E 160 18.96 0.87 -30.79
CA LEU E 160 18.09 -0.30 -30.73
C LEU E 160 18.76 -1.56 -31.27
N PHE E 161 19.37 -1.45 -32.44
CA PHE E 161 19.98 -2.60 -33.08
C PHE E 161 21.44 -2.74 -32.68
N SER E 162 21.67 -2.99 -31.40
CA SER E 162 23.02 -3.07 -30.87
C SER E 162 23.72 -4.36 -31.27
N LEU E 163 25.03 -4.27 -31.50
CA LEU E 163 25.84 -5.43 -31.81
C LEU E 163 26.28 -6.14 -30.54
N ASP E 164 25.90 -5.58 -29.39
CA ASP E 164 26.38 -6.01 -28.08
C ASP E 164 25.67 -7.27 -27.55
N VAL E 165 24.53 -7.61 -28.14
CA VAL E 165 23.67 -8.65 -27.56
C VAL E 165 24.23 -10.05 -27.67
N LYS E 166 24.28 -10.75 -26.54
CA LYS E 166 24.62 -12.16 -26.54
C LYS E 166 23.43 -13.02 -26.93
N ASN E 167 23.70 -14.17 -27.53
CA ASN E 167 22.67 -15.15 -27.88
C ASN E 167 21.57 -14.61 -28.80
N LEU E 168 21.90 -13.65 -29.65
CA LEU E 168 20.95 -13.17 -30.64
C LEU E 168 21.01 -14.07 -31.86
N GLU E 169 19.85 -14.61 -32.25
CA GLU E 169 19.79 -15.60 -33.31
C GLU E 169 20.01 -14.99 -34.70
N ASN E 170 19.21 -14.01 -35.05
CA ASN E 170 19.34 -13.35 -36.35
C ASN E 170 20.28 -12.15 -36.26
N PHE E 171 21.54 -12.41 -35.93
CA PHE E 171 22.50 -11.34 -35.66
C PHE E 171 22.94 -10.61 -36.93
N GLN E 172 22.87 -11.29 -38.08
CA GLN E 172 23.28 -10.64 -39.33
C GLN E 172 22.25 -9.61 -39.80
N LEU E 173 20.99 -9.81 -39.45
CA LEU E 173 19.98 -8.79 -39.71
C LEU E 173 20.32 -7.54 -38.91
N VAL E 174 20.67 -7.74 -37.65
CA VAL E 174 21.07 -6.64 -36.78
C VAL E 174 22.31 -5.95 -37.33
N GLU E 175 23.31 -6.75 -37.72
CA GLU E 175 24.51 -6.22 -38.37
C GLU E 175 24.14 -5.45 -39.62
N GLY E 176 23.23 -6.02 -40.41
CA GLY E 176 22.77 -5.39 -41.64
C GLY E 176 22.12 -4.04 -41.40
N VAL E 177 21.30 -3.95 -40.36
CA VAL E 177 20.66 -2.69 -40.03
C VAL E 177 21.70 -1.67 -39.59
N GLN E 178 22.65 -2.10 -38.77
CA GLN E 178 23.75 -1.25 -38.34
C GLN E 178 24.51 -0.66 -39.52
N GLU E 179 24.82 -1.49 -40.52
CA GLU E 179 25.56 -1.01 -41.67
C GLU E 179 24.72 -0.07 -42.53
N GLN E 180 23.47 -0.44 -42.79
CA GLN E 180 22.59 0.38 -43.62
C GLN E 180 22.32 1.75 -43.00
N VAL E 181 22.03 1.78 -41.70
CA VAL E 181 21.70 3.03 -41.02
C VAL E 181 22.93 3.92 -40.84
N ASN E 182 24.06 3.32 -40.47
CA ASN E 182 25.31 4.08 -40.41
C ASN E 182 25.64 4.73 -41.74
N ALA E 183 25.55 3.94 -42.81
CA ALA E 183 25.86 4.42 -44.15
C ALA E 183 24.91 5.55 -44.54
N ALA E 184 23.62 5.37 -44.23
CA ALA E 184 22.61 6.37 -44.55
C ALA E 184 22.84 7.65 -43.77
N LEU E 185 23.18 7.51 -42.48
CA LEU E 185 23.45 8.67 -41.64
C LEU E 185 24.66 9.43 -42.17
N LEU E 186 25.71 8.69 -42.53
CA LEU E 186 26.92 9.27 -43.10
C LEU E 186 26.63 10.05 -44.39
N ASP E 187 25.93 9.41 -45.32
CA ASP E 187 25.53 10.07 -46.57
C ASP E 187 24.71 11.33 -46.31
N TYR E 188 23.80 11.25 -45.35
CA TYR E 188 22.94 12.39 -45.04
C TYR E 188 23.72 13.59 -44.52
N THR E 189 24.63 13.34 -43.58
CA THR E 189 25.41 14.43 -42.97
C THR E 189 26.39 15.02 -43.98
N MET E 190 26.96 14.18 -44.85
CA MET E 190 27.91 14.64 -45.85
C MET E 190 27.22 15.52 -46.89
N CYS E 191 25.98 15.19 -47.22
CA CYS E 191 25.23 15.92 -48.25
C CYS E 191 24.65 17.22 -47.73
N ASN E 192 24.06 17.18 -46.54
CA ASN E 192 23.27 18.31 -46.06
C ASN E 192 24.00 19.18 -45.04
N TYR E 193 25.13 18.69 -44.52
CA TYR E 193 25.97 19.49 -43.65
C TYR E 193 27.44 19.37 -44.06
N PRO E 194 27.78 19.80 -45.29
CA PRO E 194 29.13 19.61 -45.79
C PRO E 194 30.17 20.51 -45.10
N GLN E 195 29.72 21.59 -44.48
CA GLN E 195 30.67 22.49 -43.82
C GLN E 195 31.10 21.91 -42.47
N GLN E 196 30.33 20.95 -41.95
CA GLN E 196 30.71 20.20 -40.77
C GLN E 196 31.32 18.88 -41.18
N THR E 197 32.61 18.90 -41.51
CA THR E 197 33.27 17.78 -42.16
C THR E 197 33.33 16.51 -41.32
N GLU E 198 33.11 16.65 -40.01
CA GLU E 198 33.17 15.50 -39.12
C GLU E 198 31.89 15.29 -38.34
N LYS E 199 30.76 15.77 -38.87
CA LYS E 199 29.51 15.71 -38.14
C LYS E 199 29.09 14.27 -37.83
N PHE E 200 29.30 13.37 -38.78
CA PHE E 200 29.00 11.95 -38.59
C PHE E 200 29.69 11.40 -37.34
N GLY E 201 31.00 11.61 -37.25
CA GLY E 201 31.76 11.15 -36.10
C GLY E 201 31.34 11.86 -34.83
N GLN E 202 31.02 13.15 -34.95
CA GLN E 202 30.60 13.94 -33.81
C GLN E 202 29.27 13.44 -33.24
N LEU E 203 28.39 12.97 -34.11
CA LEU E 203 27.11 12.41 -33.68
C LEU E 203 27.32 11.06 -32.99
N LEU E 204 28.16 10.22 -33.58
CA LEU E 204 28.46 8.91 -33.00
C LEU E 204 29.04 9.02 -31.59
N LEU E 205 29.87 10.04 -31.38
CA LEU E 205 30.56 10.20 -30.11
C LEU E 205 29.61 10.63 -28.99
N ARG E 206 28.36 10.93 -29.34
CA ARG E 206 27.36 11.26 -28.34
C ARG E 206 26.77 9.98 -27.76
N LEU E 207 26.90 8.88 -28.48
CA LEU E 207 26.33 7.60 -28.04
C LEU E 207 26.91 7.07 -26.72
N PRO E 208 28.25 7.07 -26.56
CA PRO E 208 28.76 6.61 -25.26
C PRO E 208 28.35 7.53 -24.11
N GLU E 209 28.10 8.81 -24.40
CA GLU E 209 27.65 9.76 -23.39
C GLU E 209 26.21 9.47 -22.98
N ILE E 210 25.39 9.17 -23.98
CA ILE E 210 24.01 8.75 -23.75
C ILE E 210 23.97 7.49 -22.89
N ARG E 211 24.85 6.54 -23.22
CA ARG E 211 24.89 5.28 -22.49
C ARG E 211 25.37 5.45 -21.05
N ALA E 212 26.27 6.40 -20.83
CA ALA E 212 26.77 6.67 -19.48
C ALA E 212 25.66 7.25 -18.61
N ILE E 213 24.90 8.18 -19.17
CA ILE E 213 23.77 8.79 -18.46
C ILE E 213 22.69 7.75 -18.17
N SER E 214 22.43 6.90 -19.14
CA SER E 214 21.43 5.84 -19.02
C SER E 214 21.76 4.86 -17.89
N MET E 215 23.02 4.45 -17.80
CA MET E 215 23.45 3.54 -16.74
C MET E 215 23.31 4.21 -15.38
N GLN E 216 23.71 5.48 -15.31
CA GLN E 216 23.62 6.26 -14.09
C GLN E 216 22.15 6.45 -13.67
N ALA E 217 21.27 6.59 -14.66
CA ALA E 217 19.85 6.78 -14.39
C ALA E 217 19.21 5.49 -13.88
N GLU E 218 19.61 4.36 -14.44
CA GLU E 218 19.14 3.05 -13.98
C GLU E 218 19.48 2.86 -12.51
N GLU E 219 20.70 3.22 -12.15
CA GLU E 219 21.19 3.03 -10.79
C GLU E 219 20.50 3.98 -9.81
N TYR E 220 20.30 5.22 -10.25
CA TYR E 220 19.58 6.21 -9.47
C TYR E 220 18.15 5.77 -9.17
N LEU E 221 17.45 5.29 -10.20
CA LEU E 221 16.07 4.85 -10.04
C LEU E 221 15.97 3.64 -9.12
N TYR E 222 16.91 2.71 -9.26
CA TYR E 222 16.92 1.51 -8.43
C TYR E 222 17.06 1.87 -6.96
N TYR E 223 17.96 2.80 -6.66
CA TYR E 223 18.20 3.19 -5.27
C TYR E 223 17.07 4.05 -4.72
N LYS E 224 16.36 4.77 -5.59
CA LYS E 224 15.16 5.46 -5.16
C LYS E 224 14.11 4.43 -4.76
N HIS E 225 14.11 3.31 -5.47
CA HIS E 225 13.16 2.23 -5.23
C HIS E 225 13.46 1.51 -3.92
N LEU E 226 14.74 1.41 -3.57
CA LEU E 226 15.14 0.83 -2.30
C LEU E 226 14.64 1.67 -1.14
N ASN E 227 14.45 2.96 -1.41
CA ASN E 227 13.98 3.87 -0.37
C ASN E 227 12.46 3.95 -0.31
N GLY E 228 11.79 3.25 -1.23
CA GLY E 228 10.35 3.22 -1.24
C GLY E 228 9.73 4.49 -1.80
N ASP E 229 10.45 5.15 -2.71
CA ASP E 229 9.97 6.39 -3.30
C ASP E 229 9.29 6.16 -4.64
N VAL E 230 9.59 5.02 -5.27
CA VAL E 230 9.03 4.71 -6.57
C VAL E 230 7.67 4.06 -6.39
N PRO E 231 6.65 4.63 -7.04
CA PRO E 231 5.29 4.13 -6.88
C PRO E 231 5.08 2.69 -7.36
N TYR E 232 3.93 2.16 -6.97
CA TYR E 232 3.21 1.08 -7.59
C TYR E 232 3.68 0.63 -8.97
N ASN E 233 3.57 -0.66 -9.20
CA ASN E 233 3.49 -1.34 -10.49
C ASN E 233 4.29 -0.73 -11.65
N ASN E 234 5.27 -1.44 -12.21
CA ASN E 234 6.03 -0.83 -13.30
C ASN E 234 6.41 -1.74 -14.46
N LEU E 235 6.73 -1.08 -15.58
CA LEU E 235 7.50 -1.70 -16.64
C LEU E 235 8.95 -1.37 -16.36
N LEU E 236 9.15 -0.21 -15.73
CA LEU E 236 10.48 0.33 -15.41
C LEU E 236 11.25 -0.58 -14.45
N ILE E 237 10.63 -0.93 -13.32
CA ILE E 237 11.28 -1.78 -12.34
C ILE E 237 11.42 -3.21 -12.89
N GLU E 238 10.50 -3.60 -13.76
CA GLU E 238 10.58 -4.88 -14.45
C GLU E 238 11.86 -4.98 -15.27
N MET E 239 12.17 -3.92 -16.02
CA MET E 239 13.35 -3.88 -16.86
C MET E 239 14.63 -3.87 -16.01
N LEU E 240 14.54 -3.31 -14.81
CA LEU E 240 15.68 -3.28 -13.90
C LEU E 240 15.90 -4.62 -13.22
N HIS E 241 14.83 -5.39 -13.04
CA HIS E 241 14.91 -6.69 -12.41
C HIS E 241 15.61 -7.71 -13.31
N ASN F 3 10.80 -12.01 -18.49
CA ASN F 3 9.98 -10.82 -18.58
C ASN F 3 8.77 -11.06 -19.50
N ALA F 4 7.68 -11.54 -18.92
CA ALA F 4 6.50 -11.89 -19.69
C ALA F 4 5.68 -10.67 -20.10
N LEU F 5 5.80 -9.59 -19.34
CA LEU F 5 5.11 -8.35 -19.69
C LEU F 5 5.63 -7.81 -21.01
N LEU F 6 6.95 -7.66 -21.10
CA LEU F 6 7.60 -7.23 -22.34
C LEU F 6 7.23 -8.17 -23.47
N ARG F 7 7.22 -9.46 -23.17
CA ARG F 7 6.84 -10.50 -24.13
C ARG F 7 5.42 -10.28 -24.64
N TYR F 8 4.52 -9.93 -23.72
CA TYR F 8 3.12 -9.69 -24.07
C TYR F 8 2.96 -8.44 -24.91
N LEU F 9 3.66 -7.38 -24.52
CA LEU F 9 3.58 -6.10 -25.22
C LEU F 9 4.08 -6.23 -26.66
N LEU F 10 5.03 -7.13 -26.88
CA LEU F 10 5.62 -7.29 -28.20
C LEU F 10 4.76 -8.14 -29.14
N ASP F 11 3.77 -8.84 -28.59
CA ASP F 11 2.97 -9.76 -29.39
C ASP F 11 1.46 -9.58 -29.22
N LYS F 12 1.06 -8.48 -28.60
CA LYS F 12 -0.34 -8.15 -28.49
C LYS F 12 -0.77 -7.33 -29.71
N ALA G 2 -16.40 25.26 -2.32
CA ALA G 2 -15.07 25.34 -1.74
C ALA G 2 -14.79 24.15 -0.82
N ALA G 3 -15.73 23.87 0.08
CA ALA G 3 -15.57 22.79 1.05
C ALA G 3 -15.77 21.42 0.42
N SER G 4 -15.00 20.43 0.89
CA SER G 4 -15.13 19.07 0.43
C SER G 4 -15.24 18.12 1.62
N ILE G 5 -16.24 17.24 1.59
CA ILE G 5 -16.46 16.31 2.68
C ILE G 5 -16.45 14.88 2.17
N PRO G 6 -15.50 14.06 2.66
CA PRO G 6 -15.42 12.66 2.26
C PRO G 6 -16.74 11.93 2.51
N HIS G 7 -17.09 11.00 1.63
CA HIS G 7 -18.35 10.26 1.76
C HIS G 7 -18.47 9.56 3.11
N LEU G 8 -17.37 9.01 3.59
CA LEU G 8 -17.38 8.30 4.88
C LEU G 8 -17.81 9.22 6.01
N ILE G 9 -17.31 10.46 6.02
CA ILE G 9 -17.68 11.42 7.06
C ILE G 9 -19.16 11.78 6.96
N LEU G 10 -19.69 11.82 5.74
CA LEU G 10 -21.12 12.03 5.55
C LEU G 10 -21.93 10.95 6.25
N GLU G 11 -21.47 9.71 6.14
CA GLU G 11 -22.13 8.58 6.78
C GLU G 11 -22.05 8.68 8.30
N LEU G 12 -20.92 9.15 8.81
CA LEU G 12 -20.76 9.32 10.26
C LEU G 12 -21.70 10.41 10.77
N LEU G 13 -21.79 11.51 10.03
CA LEU G 13 -22.66 12.62 10.39
C LEU G 13 -24.13 12.21 10.43
N LYS G 14 -24.50 11.29 9.55
CA LYS G 14 -25.89 10.81 9.47
C LYS G 14 -26.29 10.06 10.73
N CYS G 15 -25.30 9.56 11.47
CA CYS G 15 -25.55 8.77 12.67
C CYS G 15 -25.57 9.62 13.94
N GLU G 16 -25.32 10.91 13.79
CA GLU G 16 -25.23 11.81 14.95
C GLU G 16 -26.57 11.89 15.68
N PRO G 17 -26.51 12.04 17.01
CA PRO G 17 -27.75 12.18 17.78
C PRO G 17 -28.48 13.46 17.41
N ASP G 18 -29.80 13.46 17.62
CA ASP G 18 -30.60 14.65 17.45
C ASP G 18 -30.43 15.51 18.69
N GLU G 19 -29.66 16.58 18.58
CA GLU G 19 -29.32 17.38 19.76
C GLU G 19 -30.54 18.05 20.41
N PRO G 20 -31.44 18.65 19.63
CA PRO G 20 -32.65 19.19 20.27
C PRO G 20 -33.50 18.15 20.99
N GLN G 21 -33.60 16.94 20.44
CA GLN G 21 -34.37 15.88 21.09
C GLN G 21 -33.71 15.40 22.39
N VAL G 22 -32.40 15.19 22.34
CA VAL G 22 -31.68 14.75 23.53
C VAL G 22 -31.78 15.80 24.64
N GLN G 23 -31.60 17.06 24.26
CA GLN G 23 -31.64 18.16 25.21
C GLN G 23 -32.99 18.23 25.91
N ALA G 24 -34.07 18.14 25.13
CA ALA G 24 -35.41 18.19 25.69
C ALA G 24 -35.69 16.99 26.59
N LYS G 25 -35.19 15.82 26.19
CA LYS G 25 -35.47 14.60 26.93
C LYS G 25 -34.79 14.59 28.31
N ILE G 26 -33.52 14.97 28.34
CA ILE G 26 -32.77 15.00 29.58
C ILE G 26 -33.29 16.10 30.51
N MET G 27 -33.57 17.27 29.94
CA MET G 27 -34.12 18.37 30.73
CA MET G 27 -34.13 18.37 30.70
C MET G 27 -35.45 17.98 31.36
N ALA G 28 -36.30 17.33 30.57
CA ALA G 28 -37.61 16.88 31.07
C ALA G 28 -37.45 15.83 32.17
N TYR G 29 -36.48 14.94 31.98
CA TYR G 29 -36.20 13.90 32.97
C TYR G 29 -35.81 14.52 34.31
N LEU G 30 -34.90 15.49 34.27
CA LEU G 30 -34.40 16.11 35.50
C LEU G 30 -35.47 16.95 36.18
N GLN G 31 -36.29 17.63 35.39
CA GLN G 31 -37.39 18.42 35.95
C GLN G 31 -38.41 17.50 36.62
N GLN G 32 -38.65 16.35 36.01
CA GLN G 32 -39.60 15.38 36.57
C GLN G 32 -39.04 14.73 37.83
N GLU G 33 -37.72 14.53 37.86
CA GLU G 33 -37.07 13.94 39.01
C GLU G 33 -37.21 14.83 40.24
N GLN G 34 -36.96 16.12 40.07
CA GLN G 34 -37.09 17.07 41.18
C GLN G 34 -38.55 17.25 41.58
N ALA G 35 -39.45 17.16 40.60
CA ALA G 35 -40.87 17.31 40.85
C ALA G 35 -41.41 16.17 41.73
N ASN G 36 -40.83 14.98 41.54
CA ASN G 36 -41.25 13.80 42.31
C ASN G 36 -40.64 13.77 43.70
N ARG G 37 -39.78 14.73 43.99
CA ARG G 37 -39.15 14.81 45.31
C ARG G 37 -39.78 15.91 46.16
N SER G 38 -39.98 15.62 47.44
CA SER G 38 -40.49 16.62 48.37
C SER G 38 -39.35 17.53 48.79
N LYS G 39 -39.67 18.58 49.55
CA LYS G 39 -38.74 19.64 49.89
C LYS G 39 -37.40 19.13 50.45
N HIS G 40 -37.46 18.21 51.41
CA HIS G 40 -36.26 17.70 52.05
C HIS G 40 -35.52 16.68 51.18
N GLU G 41 -36.14 16.28 50.08
CA GLU G 41 -35.60 15.26 49.19
C GLU G 41 -34.93 15.84 47.96
N LYS G 42 -35.08 17.15 47.76
CA LYS G 42 -34.56 17.81 46.56
C LYS G 42 -33.08 17.52 46.36
N LEU G 43 -32.72 17.14 45.14
CA LEU G 43 -31.34 16.83 44.82
C LEU G 43 -30.46 18.07 44.87
N SER G 44 -29.23 17.90 45.31
CA SER G 44 -28.25 18.98 45.27
C SER G 44 -27.79 19.18 43.84
N THR G 45 -27.04 20.25 43.59
CA THR G 45 -26.48 20.49 42.28
C THR G 45 -25.66 19.28 41.82
N PHE G 46 -24.82 18.76 42.71
CA PHE G 46 -24.02 17.59 42.37
C PHE G 46 -24.89 16.39 42.02
N GLY G 47 -25.94 16.16 42.82
CA GLY G 47 -26.85 15.05 42.57
C GLY G 47 -27.53 15.16 41.23
N LEU G 48 -27.91 16.37 40.86
CA LEU G 48 -28.57 16.62 39.57
C LEU G 48 -27.62 16.35 38.41
N MET G 49 -26.39 16.80 38.57
CA MET G 49 -25.40 16.64 37.52
C MET G 49 -25.03 15.18 37.34
N CYS G 50 -25.08 14.42 38.42
CA CYS G 50 -24.84 12.98 38.37
C CYS G 50 -25.93 12.30 37.54
N LYS G 51 -27.18 12.67 37.78
CA LYS G 51 -28.28 12.10 37.01
C LYS G 51 -28.22 12.59 35.58
N MET G 52 -27.80 13.84 35.39
CA MET G 52 -27.62 14.41 34.05
C MET G 52 -26.58 13.62 33.28
N ALA G 53 -25.45 13.34 33.92
CA ALA G 53 -24.38 12.56 33.29
C ALA G 53 -24.87 11.15 32.99
N ASP G 54 -25.64 10.60 33.91
CA ASP G 54 -26.22 9.27 33.76
C ASP G 54 -27.09 9.19 32.51
N GLN G 55 -27.95 10.19 32.34
CA GLN G 55 -28.84 10.27 31.18
C GLN G 55 -28.07 10.52 29.89
N THR G 56 -27.00 11.30 29.96
CA THR G 56 -26.16 11.53 28.79
C THR G 56 -25.54 10.22 28.36
N LEU G 57 -25.15 9.40 29.33
CA LEU G 57 -24.54 8.11 29.03
C LEU G 57 -25.56 7.18 28.35
N PHE G 58 -26.81 7.25 28.79
CA PHE G 58 -27.89 6.53 28.12
C PHE G 58 -27.98 6.95 26.66
N SER G 59 -27.89 8.25 26.42
CA SER G 59 -27.99 8.78 25.06
C SER G 59 -26.79 8.36 24.21
N ILE G 60 -25.63 8.27 24.84
CA ILE G 60 -24.43 7.82 24.13
C ILE G 60 -24.57 6.36 23.70
N VAL G 61 -25.09 5.53 24.60
CA VAL G 61 -25.34 4.12 24.27
C VAL G 61 -26.35 3.99 23.13
N GLU G 62 -27.44 4.75 23.20
CA GLU G 62 -28.42 4.81 22.13
C GLU G 62 -27.77 5.19 20.80
N TRP G 63 -26.90 6.20 20.85
CA TRP G 63 -26.20 6.67 19.66
C TRP G 63 -25.32 5.57 19.08
N ALA G 64 -24.52 4.94 19.93
CA ALA G 64 -23.58 3.92 19.48
C ALA G 64 -24.32 2.74 18.86
N ARG G 65 -25.36 2.28 19.54
CA ARG G 65 -26.13 1.10 19.11
C ARG G 65 -26.64 1.24 17.67
N SER G 66 -26.97 2.45 17.26
CA SER G 66 -27.55 2.70 15.95
C SER G 66 -26.54 3.19 14.92
N SER G 67 -25.29 3.37 15.36
CA SER G 67 -24.26 3.93 14.49
C SER G 67 -23.73 2.93 13.47
N ILE G 68 -23.33 3.43 12.31
CA ILE G 68 -22.70 2.63 11.28
C ILE G 68 -21.46 1.92 11.84
N PHE G 69 -21.22 0.71 11.35
CA PHE G 69 -20.10 -0.16 11.77
C PHE G 69 -20.32 -0.77 13.16
N PHE G 70 -20.64 0.05 14.14
CA PHE G 70 -20.84 -0.42 15.50
C PHE G 70 -22.02 -1.38 15.60
N ARG G 71 -23.05 -1.13 14.80
CA ARG G 71 -24.27 -1.93 14.86
C ARG G 71 -24.11 -3.31 14.21
N GLU G 72 -22.95 -3.56 13.63
CA GLU G 72 -22.67 -4.86 13.02
C GLU G 72 -21.94 -5.78 14.00
N LEU G 73 -21.43 -5.18 15.08
CA LEU G 73 -20.71 -5.94 16.10
C LEU G 73 -21.68 -6.71 17.01
N LYS G 74 -21.24 -7.87 17.49
CA LYS G 74 -22.00 -8.59 18.50
C LYS G 74 -21.98 -7.76 19.78
N VAL G 75 -22.98 -7.95 20.64
CA VAL G 75 -23.12 -7.11 21.82
C VAL G 75 -21.93 -7.23 22.76
N ASP G 76 -21.34 -8.42 22.85
CA ASP G 76 -20.17 -8.60 23.70
C ASP G 76 -19.01 -7.72 23.24
N ASP G 77 -18.85 -7.60 21.92
CA ASP G 77 -17.86 -6.67 21.36
C ASP G 77 -18.27 -5.23 21.64
N GLN G 78 -19.58 -4.95 21.51
CA GLN G 78 -20.09 -3.61 21.76
C GLN G 78 -19.84 -3.20 23.20
N MET G 79 -20.05 -4.14 24.13
CA MET G 79 -19.84 -3.87 25.54
C MET G 79 -18.38 -3.60 25.86
N LYS G 80 -17.49 -4.42 25.29
CA LYS G 80 -16.05 -4.27 25.52
C LYS G 80 -15.57 -2.91 25.03
N LEU G 81 -16.05 -2.49 23.87
CA LEU G 81 -15.69 -1.17 23.34
C LEU G 81 -16.23 -0.06 24.23
N LEU G 82 -17.48 -0.20 24.67
CA LEU G 82 -18.12 0.85 25.46
C LEU G 82 -17.59 0.91 26.90
N GLN G 83 -17.24 -0.24 27.47
CA GLN G 83 -16.56 -0.28 28.77
C GLN G 83 -15.27 0.52 28.71
N ASN G 84 -14.59 0.45 27.56
CA ASN G 84 -13.28 1.03 27.41
C ASN G 84 -13.28 2.55 27.24
N CYS G 85 -14.33 3.10 26.62
CA CYS G 85 -14.29 4.50 26.21
C CYS G 85 -15.45 5.36 26.73
N TRP G 86 -16.30 4.79 27.59
CA TRP G 86 -17.53 5.50 28.01
C TRP G 86 -17.26 6.89 28.59
N SER G 87 -16.26 7.02 29.45
CA SER G 87 -15.95 8.29 30.07
C SER G 87 -15.26 9.23 29.08
N GLU G 88 -14.54 8.65 28.13
CA GLU G 88 -13.91 9.44 27.07
C GLU G 88 -14.98 10.08 26.17
N LEU G 89 -16.01 9.31 25.84
CA LEU G 89 -17.10 9.84 25.02
C LEU G 89 -17.87 10.92 25.77
N LEU G 90 -18.05 10.74 27.07
CA LEU G 90 -18.74 11.74 27.89
C LEU G 90 -17.96 13.06 27.92
N ILE G 91 -16.64 12.95 28.10
CA ILE G 91 -15.77 14.12 28.14
C ILE G 91 -15.67 14.80 26.77
N LEU G 92 -15.53 13.99 25.72
CA LEU G 92 -15.46 14.53 24.37
C LEU G 92 -16.76 15.26 24.02
N ASP G 93 -17.87 14.65 24.39
CA ASP G 93 -19.19 15.25 24.21
C ASP G 93 -19.27 16.61 24.91
N HIS G 94 -18.82 16.65 26.16
CA HIS G 94 -18.82 17.88 26.95
C HIS G 94 -17.91 18.95 26.37
N ILE G 95 -16.70 18.56 25.99
CA ILE G 95 -15.72 19.52 25.45
C ILE G 95 -16.22 20.17 24.17
N TYR G 96 -16.71 19.35 23.25
CA TYR G 96 -17.21 19.88 21.97
C TYR G 96 -18.42 20.79 22.19
N ARG G 97 -19.27 20.44 23.15
CA ARG G 97 -20.40 21.29 23.51
C ARG G 97 -19.93 22.70 23.88
N GLN G 98 -18.82 22.78 24.62
CA GLN G 98 -18.26 24.07 25.00
C GLN G 98 -17.65 24.79 23.80
N VAL G 99 -16.99 24.05 22.91
CA VAL G 99 -16.41 24.64 21.72
C VAL G 99 -17.48 25.35 20.88
N VAL G 100 -18.60 24.66 20.67
CA VAL G 100 -19.66 25.18 19.81
C VAL G 100 -20.66 26.08 20.53
N HIS G 101 -21.13 25.64 21.68
CA HIS G 101 -22.23 26.31 22.37
C HIS G 101 -21.79 27.13 23.59
N GLY G 102 -20.53 27.02 23.98
CA GLY G 102 -20.03 27.68 25.18
C GLY G 102 -19.62 29.13 24.97
N LYS G 103 -19.75 29.92 26.05
CA LYS G 103 -19.42 31.36 26.01
C LYS G 103 -18.37 31.63 27.10
N GLU G 104 -17.69 32.78 27.03
CA GLU G 104 -16.74 33.18 28.07
C GLU G 104 -17.37 33.13 29.47
N GLY G 105 -16.72 32.43 30.40
CA GLY G 105 -17.14 32.44 31.79
C GLY G 105 -18.35 31.59 32.14
N SER G 106 -18.71 30.67 31.25
CA SER G 106 -19.84 29.80 31.55
C SER G 106 -19.73 28.43 30.90
N ILE G 107 -20.32 27.43 31.56
CA ILE G 107 -20.36 26.06 31.07
C ILE G 107 -21.75 25.74 30.53
N PHE G 108 -21.81 25.30 29.28
CA PHE G 108 -23.08 24.93 28.66
C PHE G 108 -23.39 23.46 28.91
N LEU G 109 -24.55 23.19 29.49
CA LEU G 109 -24.95 21.83 29.82
C LEU G 109 -25.77 21.20 28.70
N VAL G 110 -25.86 19.87 28.70
CA VAL G 110 -26.63 19.16 27.69
C VAL G 110 -28.11 19.52 27.78
N THR G 111 -28.53 19.98 28.96
CA THR G 111 -29.92 20.37 29.19
C THR G 111 -30.19 21.78 28.64
N GLY G 112 -29.14 22.49 28.26
CA GLY G 112 -29.29 23.77 27.60
C GLY G 112 -29.03 24.99 28.46
N GLN G 113 -28.75 24.81 29.74
CA GLN G 113 -28.49 25.94 30.63
C GLN G 113 -27.01 26.26 30.70
N GLN G 114 -26.71 27.52 31.03
CA GLN G 114 -25.34 27.96 31.21
C GLN G 114 -25.03 28.09 32.69
N VAL G 115 -23.99 27.40 33.15
CA VAL G 115 -23.56 27.49 34.54
C VAL G 115 -22.42 28.49 34.66
N ASP G 116 -22.67 29.53 35.46
CA ASP G 116 -21.67 30.57 35.74
C ASP G 116 -20.38 29.96 36.28
N TYR G 117 -19.26 30.32 35.66
CA TYR G 117 -17.96 29.78 36.06
C TYR G 117 -17.60 30.18 37.48
N SER G 118 -18.09 31.32 37.93
CA SER G 118 -17.82 31.80 39.29
C SER G 118 -18.53 30.94 40.33
N ILE G 119 -19.65 30.36 39.95
CA ILE G 119 -20.35 29.41 40.80
C ILE G 119 -19.44 28.21 41.07
N ILE G 120 -18.82 27.71 40.00
CA ILE G 120 -17.87 26.61 40.11
C ILE G 120 -16.66 27.01 40.95
N ALA G 121 -16.14 28.21 40.68
CA ALA G 121 -14.95 28.68 41.38
C ALA G 121 -15.19 28.85 42.88
N SER G 122 -16.43 29.15 43.27
CA SER G 122 -16.74 29.44 44.67
C SER G 122 -17.29 28.23 45.41
N GLN G 123 -17.88 27.29 44.69
CA GLN G 123 -18.58 26.17 45.33
C GLN G 123 -17.93 24.81 45.14
N ALA G 124 -17.06 24.70 44.12
CA ALA G 124 -16.40 23.42 43.87
C ALA G 124 -15.08 23.31 44.61
N GLY G 125 -14.68 22.08 44.93
CA GLY G 125 -13.41 21.83 45.57
C GLY G 125 -12.25 21.91 44.59
N ALA G 126 -11.05 21.60 45.07
CA ALA G 126 -9.86 21.72 44.25
C ALA G 126 -9.85 20.70 43.11
N THR G 127 -10.34 19.49 43.39
CA THR G 127 -10.33 18.43 42.39
C THR G 127 -11.20 18.77 41.18
N LEU G 128 -12.42 19.23 41.44
CA LEU G 128 -13.35 19.56 40.36
C LEU G 128 -12.89 20.80 39.59
N ASN G 129 -12.46 21.82 40.32
CA ASN G 129 -11.94 23.02 39.67
C ASN G 129 -10.76 22.68 38.77
N ASN G 130 -9.95 21.73 39.23
CA ASN G 130 -8.77 21.28 38.50
C ASN G 130 -9.16 20.48 37.27
N LEU G 131 -10.27 19.75 37.38
CA LEU G 131 -10.88 19.09 36.25
C LEU G 131 -11.42 20.06 35.23
N MET G 132 -12.17 21.05 35.72
CA MET G 132 -12.80 22.03 34.87
C MET G 132 -11.75 22.85 34.12
N SER G 133 -10.65 23.15 34.80
CA SER G 133 -9.61 23.98 34.21
C SER G 133 -8.84 23.27 33.08
N HIS G 134 -8.49 22.00 33.28
CA HIS G 134 -7.91 21.25 32.18
C HIS G 134 -8.87 21.09 31.01
N ALA G 135 -10.16 21.06 31.32
CA ALA G 135 -11.16 20.88 30.28
C ALA G 135 -11.24 22.14 29.44
N GLN G 136 -11.22 23.30 30.10
CA GLN G 136 -11.35 24.57 29.39
C GLN G 136 -10.08 24.90 28.59
N GLU G 137 -8.93 24.43 29.07
CA GLU G 137 -7.68 24.58 28.31
C GLU G 137 -7.79 23.83 26.99
N LEU G 138 -8.43 22.66 27.05
CA LEU G 138 -8.66 21.84 25.87
C LEU G 138 -9.63 22.53 24.92
N VAL G 139 -10.69 23.10 25.49
CA VAL G 139 -11.69 23.83 24.70
C VAL G 139 -11.04 24.97 23.94
N ALA G 140 -10.20 25.74 24.63
CA ALA G 140 -9.52 26.89 24.03
C ALA G 140 -8.55 26.45 22.93
N LYS G 141 -7.88 25.32 23.15
CA LYS G 141 -6.95 24.79 22.15
C LYS G 141 -7.68 24.38 20.88
N LEU G 142 -8.80 23.67 21.04
CA LEU G 142 -9.60 23.22 19.92
C LEU G 142 -10.21 24.39 19.14
N ARG G 143 -10.64 25.42 19.87
CA ARG G 143 -11.16 26.63 19.23
C ARG G 143 -10.10 27.26 18.32
N SER G 144 -8.88 27.37 18.83
CA SER G 144 -7.79 27.97 18.07
C SER G 144 -7.42 27.11 16.86
N LEU G 145 -7.77 25.83 16.91
CA LEU G 145 -7.53 24.91 15.79
C LEU G 145 -8.68 24.95 14.79
N GLN G 146 -9.72 25.72 15.09
CA GLN G 146 -10.94 25.75 14.30
C GLN G 146 -11.55 24.35 14.19
N PHE G 147 -11.59 23.66 15.33
CA PHE G 147 -12.22 22.35 15.47
C PHE G 147 -13.69 22.41 15.02
N ASP G 148 -14.06 21.65 13.99
CA ASP G 148 -15.44 21.67 13.53
C ASP G 148 -16.14 20.31 13.69
N GLN G 149 -17.38 20.22 13.20
CA GLN G 149 -18.23 19.06 13.47
C GLN G 149 -17.79 17.81 12.73
N ARG G 150 -17.25 17.98 11.52
CA ARG G 150 -16.81 16.84 10.73
C ARG G 150 -15.59 16.19 11.39
N GLU G 151 -14.74 17.01 11.99
CA GLU G 151 -13.58 16.50 12.72
C GLU G 151 -14.01 15.89 14.04
N PHE G 152 -15.01 16.50 14.67
CA PHE G 152 -15.54 16.00 15.93
C PHE G 152 -16.10 14.59 15.78
N VAL G 153 -16.92 14.37 14.75
CA VAL G 153 -17.54 13.07 14.57
C VAL G 153 -16.49 12.00 14.28
N CYS G 154 -15.41 12.39 13.61
CA CYS G 154 -14.31 11.47 13.33
C CYS G 154 -13.65 11.04 14.64
N LEU G 155 -13.32 12.02 15.48
CA LEU G 155 -12.70 11.73 16.76
C LEU G 155 -13.58 10.85 17.63
N LYS G 156 -14.90 11.05 17.56
CA LYS G 156 -15.80 10.23 18.35
C LYS G 156 -15.71 8.76 17.93
N PHE G 157 -15.63 8.52 16.63
CA PHE G 157 -15.53 7.14 16.15
C PHE G 157 -14.16 6.56 16.45
N LEU G 158 -13.13 7.40 16.44
CA LEU G 158 -11.78 6.94 16.78
C LEU G 158 -11.70 6.54 18.25
N VAL G 159 -12.39 7.28 19.10
CA VAL G 159 -12.45 6.95 20.52
C VAL G 159 -13.21 5.66 20.74
N LEU G 160 -14.34 5.51 20.05
CA LEU G 160 -15.19 4.33 20.21
C LEU G 160 -14.54 3.06 19.71
N PHE G 161 -14.01 3.11 18.48
CA PHE G 161 -13.41 1.94 17.85
C PHE G 161 -11.93 1.84 18.16
N SER G 162 -11.62 1.61 19.43
CA SER G 162 -10.25 1.65 19.86
C SER G 162 -9.56 0.29 19.69
N LEU G 163 -8.25 0.34 19.47
CA LEU G 163 -7.46 -0.86 19.22
C LEU G 163 -6.90 -1.47 20.52
N ASP G 164 -7.17 -0.81 21.64
CA ASP G 164 -6.59 -1.19 22.92
C ASP G 164 -7.36 -2.30 23.62
N VAL G 165 -8.44 -2.77 22.99
CA VAL G 165 -9.36 -3.70 23.65
C VAL G 165 -8.95 -5.16 23.47
N LYS G 166 -8.76 -5.86 24.58
CA LYS G 166 -8.42 -7.27 24.57
C LYS G 166 -9.66 -8.13 24.36
N ASN G 167 -9.45 -9.35 23.87
CA ASN G 167 -10.52 -10.33 23.66
C ASN G 167 -11.65 -9.80 22.79
N LEU G 168 -11.31 -8.88 21.87
CA LEU G 168 -12.27 -8.40 20.90
C LEU G 168 -12.37 -9.39 19.75
N GLU G 169 -13.54 -10.00 19.56
CA GLU G 169 -13.72 -11.01 18.52
C GLU G 169 -13.56 -10.43 17.12
N ASN G 170 -14.41 -9.48 16.76
CA ASN G 170 -14.37 -8.88 15.42
C ASN G 170 -13.44 -7.66 15.45
N PHE G 171 -12.17 -7.91 15.79
CA PHE G 171 -11.14 -6.86 15.82
C PHE G 171 -10.77 -6.43 14.40
N GLN G 172 -11.04 -7.30 13.44
CA GLN G 172 -10.78 -6.99 12.03
C GLN G 172 -11.63 -5.80 11.60
N LEU G 173 -12.89 -5.76 12.02
CA LEU G 173 -13.75 -4.63 11.72
C LEU G 173 -13.29 -3.35 12.42
N VAL G 174 -12.90 -3.48 13.68
CA VAL G 174 -12.48 -2.33 14.47
C VAL G 174 -11.24 -1.67 13.85
N GLU G 175 -10.28 -2.49 13.44
CA GLU G 175 -9.08 -1.98 12.79
C GLU G 175 -9.42 -1.31 11.46
N GLY G 176 -10.36 -1.91 10.73
CA GLY G 176 -10.82 -1.35 9.47
C GLY G 176 -11.48 0.01 9.63
N VAL G 177 -12.26 0.17 10.70
CA VAL G 177 -12.90 1.45 10.97
C VAL G 177 -11.84 2.49 11.35
N GLN G 178 -10.87 2.08 12.16
CA GLN G 178 -9.78 2.98 12.54
C GLN G 178 -9.05 3.52 11.32
N GLU G 179 -8.73 2.64 10.36
CA GLU G 179 -8.01 3.06 9.18
C GLU G 179 -8.85 3.99 8.32
N GLN G 180 -10.10 3.61 8.07
CA GLN G 180 -10.99 4.41 7.23
C GLN G 180 -11.25 5.80 7.79
N VAL G 181 -11.54 5.88 9.08
CA VAL G 181 -11.86 7.18 9.69
C VAL G 181 -10.63 8.07 9.78
N ASN G 182 -9.50 7.50 10.19
CA ASN G 182 -8.24 8.25 10.20
C ASN G 182 -7.93 8.83 8.83
N ALA G 183 -8.07 8.00 7.80
CA ALA G 183 -7.78 8.42 6.43
C ALA G 183 -8.75 9.51 5.98
N ALA G 184 -10.02 9.36 6.34
CA ALA G 184 -11.04 10.33 5.98
C ALA G 184 -10.78 11.67 6.68
N LEU G 185 -10.41 11.60 7.96
CA LEU G 185 -10.10 12.80 8.72
C LEU G 185 -8.90 13.53 8.11
N LEU G 186 -7.88 12.76 7.75
CA LEU G 186 -6.68 13.32 7.14
C LEU G 186 -7.01 14.02 5.82
N ASP G 187 -7.74 13.33 4.95
CA ASP G 187 -8.16 13.92 3.68
C ASP G 187 -8.95 15.21 3.91
N TYR G 188 -9.84 15.18 4.90
CA TYR G 188 -10.68 16.34 5.19
C TYR G 188 -9.88 17.55 5.66
N THR G 189 -8.94 17.34 6.59
CA THR G 189 -8.15 18.44 7.12
C THR G 189 -7.19 19.00 6.08
N MET G 190 -6.65 18.13 5.23
CA MET G 190 -5.74 18.56 4.18
C MET G 190 -6.46 19.38 3.10
N CYS G 191 -7.71 19.01 2.83
CA CYS G 191 -8.50 19.68 1.80
C CYS G 191 -9.07 21.02 2.26
N ASN G 192 -9.68 21.02 3.44
CA ASN G 192 -10.44 22.18 3.90
C ASN G 192 -9.66 23.10 4.82
N TYR G 193 -8.54 22.63 5.35
CA TYR G 193 -7.66 23.48 6.14
C TYR G 193 -6.21 23.34 5.70
N PRO G 194 -5.91 23.76 4.46
CA PRO G 194 -4.55 23.61 3.92
C PRO G 194 -3.54 24.57 4.57
N GLN G 195 -4.04 25.64 5.19
CA GLN G 195 -3.17 26.60 5.85
C GLN G 195 -2.63 26.05 7.16
N GLN G 196 -3.29 25.01 7.66
CA GLN G 196 -2.86 24.32 8.87
C GLN G 196 -2.24 22.97 8.51
N THR G 197 -0.95 23.00 8.17
CA THR G 197 -0.27 21.84 7.61
C THR G 197 -0.15 20.66 8.57
N GLU G 198 -0.39 20.89 9.85
CA GLU G 198 -0.27 19.81 10.84
C GLU G 198 -1.57 19.60 11.61
N LYS G 199 -2.69 20.02 11.05
CA LYS G 199 -3.96 19.97 11.78
C LYS G 199 -4.35 18.54 12.15
N PHE G 200 -4.13 17.60 11.24
CA PHE G 200 -4.44 16.19 11.50
C PHE G 200 -3.72 15.70 12.75
N GLY G 201 -2.42 15.96 12.82
CA GLY G 201 -1.63 15.59 13.98
C GLY G 201 -2.04 16.35 15.23
N GLN G 202 -2.37 17.63 15.06
CA GLN G 202 -2.79 18.47 16.18
C GLN G 202 -4.09 17.98 16.80
N LEU G 203 -5.01 17.50 15.97
CA LEU G 203 -6.27 16.93 16.47
C LEU G 203 -6.02 15.62 17.21
N LEU G 204 -5.19 14.75 16.64
CA LEU G 204 -4.87 13.48 17.28
C LEU G 204 -4.26 13.66 18.66
N LEU G 205 -3.43 14.68 18.81
CA LEU G 205 -2.73 14.94 20.06
C LEU G 205 -3.67 15.44 21.16
N ARG G 206 -4.93 15.67 20.82
CA ARG G 206 -5.91 16.06 21.83
C ARG G 206 -6.49 14.82 22.50
N LEU G 207 -6.39 13.67 21.83
CA LEU G 207 -6.94 12.42 22.36
C LEU G 207 -6.31 11.98 23.69
N PRO G 208 -4.97 12.00 23.81
CA PRO G 208 -4.43 11.63 25.14
C PRO G 208 -4.84 12.62 26.22
N GLU G 209 -5.10 13.86 25.85
CA GLU G 209 -5.51 14.88 26.80
C GLU G 209 -6.94 14.61 27.27
N ILE G 210 -7.81 14.28 26.31
CA ILE G 210 -9.17 13.85 26.63
C ILE G 210 -9.14 12.65 27.58
N ARG G 211 -8.27 11.69 27.28
CA ARG G 211 -8.20 10.47 28.08
C ARG G 211 -7.66 10.73 29.49
N ALA G 212 -6.75 11.69 29.62
CA ALA G 212 -6.24 12.07 30.93
C ALA G 212 -7.33 12.70 31.79
N ILE G 213 -8.10 13.60 31.18
CA ILE G 213 -9.22 14.23 31.86
C ILE G 213 -10.28 13.20 32.27
N SER G 214 -10.57 12.28 31.35
CA SER G 214 -11.54 11.21 31.60
C SER G 214 -11.14 10.34 32.80
N MET G 215 -9.85 10.02 32.92
CA MET G 215 -9.39 9.13 34.01
C MET G 215 -9.58 9.76 35.43
N GLN G 216 -8.89 10.88 35.67
CA GLN G 216 -9.27 11.90 36.71
C GLN G 216 -10.77 12.29 36.94
N ALA G 217 -11.61 12.24 35.91
CA ALA G 217 -13.05 12.41 36.14
C ALA G 217 -13.62 11.14 36.77
N GLU G 218 -13.14 9.99 36.32
CA GLU G 218 -13.56 8.70 36.89
C GLU G 218 -13.15 8.60 38.36
N GLU G 219 -11.93 9.05 38.65
CA GLU G 219 -11.40 9.00 40.01
C GLU G 219 -12.18 9.93 40.93
N TYR G 220 -12.48 11.12 40.42
CA TYR G 220 -13.26 12.10 41.16
C TYR G 220 -14.63 11.56 41.53
N LEU G 221 -15.32 10.99 40.54
CA LEU G 221 -16.67 10.46 40.75
C LEU G 221 -16.68 9.28 41.72
N TYR G 222 -15.69 8.40 41.59
CA TYR G 222 -15.55 7.24 42.47
C TYR G 222 -15.46 7.65 43.93
N TYR G 223 -14.62 8.65 44.20
CA TYR G 223 -14.43 9.11 45.58
C TYR G 223 -15.61 9.95 46.07
N LYS G 224 -16.34 10.59 45.17
CA LYS G 224 -17.58 11.26 45.57
C LYS G 224 -18.58 10.21 46.01
N HIS G 225 -18.57 9.07 45.33
CA HIS G 225 -19.47 7.97 45.64
C HIS G 225 -19.10 7.33 46.97
N LEU G 226 -17.81 7.28 47.28
CA LEU G 226 -17.34 6.75 48.56
C LEU G 226 -17.86 7.58 49.73
N ASN G 227 -18.08 8.87 49.48
CA ASN G 227 -18.56 9.77 50.52
C ASN G 227 -20.07 9.76 50.63
N GLY G 228 -20.72 9.03 49.71
CA GLY G 228 -22.16 8.92 49.71
C GLY G 228 -22.87 10.12 49.10
N ASP G 229 -22.18 10.82 48.20
CA ASP G 229 -22.72 12.04 47.58
C ASP G 229 -23.42 11.77 46.26
N VAL G 230 -23.23 10.57 45.71
CA VAL G 230 -23.81 10.25 44.40
C VAL G 230 -25.19 9.62 44.57
N PRO G 231 -26.21 10.24 43.98
CA PRO G 231 -27.59 9.75 44.13
C PRO G 231 -27.80 8.44 43.39
N TYR G 232 -28.98 7.86 43.54
CA TYR G 232 -29.37 6.67 42.80
C TYR G 232 -29.22 6.89 41.29
N ASN G 233 -28.53 5.97 40.63
CA ASN G 233 -28.38 6.03 39.19
C ASN G 233 -28.35 4.62 38.60
N ASN G 234 -28.46 4.54 37.28
CA ASN G 234 -28.60 3.26 36.60
C ASN G 234 -27.33 2.79 35.90
N LEU G 235 -26.54 3.74 35.39
CA LEU G 235 -25.48 3.40 34.46
C LEU G 235 -24.09 3.88 34.88
N LEU G 236 -24.01 5.10 35.39
CA LEU G 236 -22.73 5.76 35.65
C LEU G 236 -21.83 5.00 36.61
N ILE G 237 -22.35 4.69 37.80
CA ILE G 237 -21.55 3.99 38.80
C ILE G 237 -21.24 2.56 38.37
N GLU G 238 -22.17 1.93 37.67
CA GLU G 238 -21.97 0.56 37.19
C GLU G 238 -20.85 0.46 36.16
N MET G 239 -20.76 1.45 35.27
CA MET G 239 -19.66 1.50 34.32
C MET G 239 -18.35 1.74 35.06
N LEU G 240 -18.43 2.50 36.15
CA LEU G 240 -17.27 2.88 36.94
C LEU G 240 -16.76 1.73 37.80
N HIS G 241 -17.66 0.79 38.13
CA HIS G 241 -17.31 -0.33 39.01
C HIS G 241 -16.99 -1.62 38.26
N ALA G 242 -17.32 -1.66 36.97
CA ALA G 242 -17.12 -2.84 36.14
C ALA G 242 -15.68 -2.97 35.65
N ASN H 3 -22.34 -6.61 32.95
CA ASN H 3 -23.16 -5.40 32.93
C ASN H 3 -24.49 -5.66 32.23
N ALA H 4 -25.50 -6.06 33.01
CA ALA H 4 -26.78 -6.48 32.46
C ALA H 4 -27.56 -5.36 31.80
N LEU H 5 -27.56 -4.18 32.41
CA LEU H 5 -28.32 -3.05 31.88
C LEU H 5 -27.76 -2.59 30.55
N LEU H 6 -26.45 -2.44 30.48
CA LEU H 6 -25.77 -2.07 29.25
C LEU H 6 -26.09 -3.07 28.14
N ARG H 7 -26.12 -4.34 28.51
CA ARG H 7 -26.45 -5.42 27.60
C ARG H 7 -27.87 -5.29 27.04
N TYR H 8 -28.82 -4.98 27.93
CA TYR H 8 -30.21 -4.80 27.53
C TYR H 8 -30.39 -3.59 26.61
N LEU H 9 -29.70 -2.50 26.95
CA LEU H 9 -29.80 -1.26 26.19
C LEU H 9 -29.23 -1.41 24.79
N LEU H 10 -28.20 -2.25 24.65
CA LEU H 10 -27.56 -2.47 23.37
C LEU H 10 -28.39 -3.37 22.46
N ASP H 11 -29.28 -4.17 23.06
CA ASP H 11 -30.05 -5.09 22.22
C ASP H 11 -31.51 -4.71 22.08
N LYS H 12 -31.92 -3.66 22.79
CA LYS H 12 -33.30 -3.21 22.70
C LYS H 12 -33.57 -2.52 21.37
#